data_5V7N
#
_entry.id   5V7N
#
_cell.length_a   175.902
_cell.length_b   175.902
_cell.length_c   135.336
_cell.angle_alpha   90.000
_cell.angle_beta   90.000
_cell.angle_gamma   120.000
#
_symmetry.space_group_name_H-M   'H 3'
#
loop_
_entity.id
_entity.type
_entity.pdbx_description
1 polymer 'NADPH-dependent glyoxylate/hydroxypyruvate reductase'
2 non-polymer 'NADP NICOTINAMIDE-ADENINE-DINUCLEOTIDE PHOSPHATE'
3 non-polymer '2-keto-D-gluconic acid'
4 non-polymer 'SODIUM ION'
5 non-polymer DI(HYDROXYETHYL)ETHER
6 non-polymer 'CHLORIDE ION'
7 non-polymer 'TETRAETHYLENE GLYCOL'
8 non-polymer 'MAGNESIUM ION'
9 non-polymer GLYCEROL
10 water water
#
_entity_poly.entity_id   1
_entity_poly.type   'polypeptide(L)'
_entity_poly.pdbx_seq_one_letter_code
;SMSRPRILVPGKINPRVLERLPEMFETVRIERADAALVTADMRDVSGIAVSGKLPVPLMDAFPSLEIVANFGVGYDGVDV
SRAAARGIVVTNTPDVLTEEVADTAIGLLLNTLRLLPQAEQWLRQGRWVREGAFPLSPLSLRGRTVGLFGLGRIGLAIAR
RLEAFGVSIAYHTRTPREGLGFTYHPTLVGMAEAVDTLIVIVPGTASTLKAVNADVLSALGPKGVLINVGRGSTVDEAAL
VTALQNGTIAGAGLDVFENEPNVPEALLSFPNVSLLPHVASASVVTRNAMSDLVVDNLKAWFSTGEALTPVAETPFRRRA
IQN
;
_entity_poly.pdbx_strand_id   A,B,C,D
#
# COMPACT_ATOMS: atom_id res chain seq x y z
N SER A 3 -8.44 -44.13 -50.28
CA SER A 3 -8.01 -44.87 -49.05
C SER A 3 -7.67 -43.90 -47.89
N ARG A 4 -6.38 -43.74 -47.59
CA ARG A 4 -5.92 -42.95 -46.45
C ARG A 4 -5.84 -41.51 -46.88
N PRO A 5 -6.15 -40.56 -45.96
CA PRO A 5 -5.99 -39.16 -46.38
C PRO A 5 -4.53 -38.81 -46.72
N ARG A 6 -4.38 -37.91 -47.71
CA ARG A 6 -3.08 -37.44 -48.17
C ARG A 6 -2.81 -36.06 -47.61
N ILE A 7 -1.67 -35.93 -46.93
CA ILE A 7 -1.29 -34.71 -46.25
C ILE A 7 -0.09 -34.09 -46.95
N LEU A 8 -0.23 -32.83 -47.34
CA LEU A 8 0.89 -32.08 -47.91
C LEU A 8 1.72 -31.47 -46.82
N VAL A 9 3.04 -31.62 -46.92
CA VAL A 9 3.99 -30.92 -46.05
C VAL A 9 4.89 -30.09 -46.98
N PRO A 10 4.69 -28.76 -46.99
CA PRO A 10 5.51 -27.94 -47.87
C PRO A 10 6.71 -27.39 -47.12
N GLY A 11 7.89 -27.59 -47.69
CA GLY A 11 9.13 -27.07 -47.14
C GLY A 11 9.55 -27.82 -45.87
N LYS A 12 10.31 -27.15 -45.03
CA LYS A 12 10.88 -27.80 -43.86
C LYS A 12 9.89 -27.94 -42.71
N ILE A 13 9.97 -29.07 -42.02
CA ILE A 13 9.24 -29.29 -40.76
C ILE A 13 10.02 -30.26 -39.91
N ASN A 14 9.79 -30.23 -38.61
CA ASN A 14 10.42 -31.17 -37.71
C ASN A 14 10.21 -32.61 -38.21
N PRO A 15 11.31 -33.37 -38.33
CA PRO A 15 11.17 -34.75 -38.79
C PRO A 15 10.21 -35.65 -38.02
N ARG A 16 9.95 -35.35 -36.74
CA ARG A 16 8.97 -36.10 -35.95
C ARG A 16 7.55 -36.07 -36.60
N VAL A 17 7.19 -34.95 -37.20
CA VAL A 17 5.91 -34.87 -37.97
C VAL A 17 5.95 -35.93 -39.08
N LEU A 18 7.03 -35.93 -39.85
CA LEU A 18 7.16 -36.84 -40.98
C LEU A 18 7.19 -38.28 -40.54
N GLU A 19 7.85 -38.53 -39.41
CA GLU A 19 7.90 -39.88 -38.82
C GLU A 19 6.52 -40.41 -38.44
N ARG A 20 5.66 -39.56 -37.93
CA ARG A 20 4.40 -40.01 -37.36
C ARG A 20 3.20 -39.94 -38.31
N LEU A 21 3.26 -39.14 -39.36
CA LEU A 21 2.17 -39.09 -40.38
C LEU A 21 1.76 -40.47 -40.93
N PRO A 22 2.71 -41.39 -41.16
CA PRO A 22 2.35 -42.75 -41.60
C PRO A 22 1.48 -43.58 -40.64
N GLU A 23 1.27 -43.13 -39.43
CA GLU A 23 0.30 -43.78 -38.53
C GLU A 23 -1.10 -43.86 -39.15
N MET A 24 -1.45 -42.85 -39.95
CA MET A 24 -2.77 -42.76 -40.58
C MET A 24 -2.84 -42.22 -42.00
N PHE A 25 -1.73 -41.63 -42.50
CA PHE A 25 -1.76 -40.82 -43.71
C PHE A 25 -0.70 -41.19 -44.74
N GLU A 26 -0.95 -40.76 -45.98
CA GLU A 26 0.08 -40.61 -46.99
C GLU A 26 0.59 -39.19 -46.99
N THR A 27 1.89 -39.04 -47.14
CA THR A 27 2.53 -37.71 -47.10
C THR A 27 2.96 -37.33 -48.52
N VAL A 28 2.60 -36.12 -48.89
CA VAL A 28 3.05 -35.47 -50.13
C VAL A 28 3.98 -34.33 -49.75
N ARG A 29 5.20 -34.35 -50.25
CA ARG A 29 6.20 -33.32 -49.91
C ARG A 29 6.51 -32.45 -51.11
N ILE A 30 6.54 -31.14 -50.91
CA ILE A 30 7.13 -30.22 -51.85
C ILE A 30 8.22 -29.44 -51.14
N GLU A 31 9.25 -29.05 -51.89
CA GLU A 31 10.49 -28.52 -51.30
C GLU A 31 10.33 -27.10 -50.77
N ARG A 32 9.35 -26.36 -51.28
CA ARG A 32 9.02 -25.05 -50.73
C ARG A 32 7.50 -24.84 -50.83
N ALA A 33 7.01 -23.84 -50.10
CA ALA A 33 5.57 -23.57 -50.05
C ALA A 33 5.25 -22.70 -51.26
N ASP A 34 5.07 -23.38 -52.41
CA ASP A 34 4.94 -22.74 -53.73
C ASP A 34 3.98 -23.54 -54.58
N ALA A 35 2.86 -22.90 -54.98
CA ALA A 35 1.84 -23.49 -55.85
C ALA A 35 2.37 -24.00 -57.17
N ALA A 36 3.45 -23.39 -57.68
CA ALA A 36 4.07 -23.86 -58.92
C ALA A 36 4.58 -25.32 -58.87
N LEU A 37 4.80 -25.85 -57.66
CA LEU A 37 5.27 -27.22 -57.47
C LEU A 37 4.16 -28.24 -57.33
N VAL A 38 2.91 -27.78 -57.30
CA VAL A 38 1.77 -28.70 -57.23
C VAL A 38 1.48 -29.35 -58.57
N THR A 39 1.50 -30.67 -58.60
CA THR A 39 1.22 -31.44 -59.81
C THR A 39 -0.19 -31.96 -59.77
N ALA A 40 -0.64 -32.43 -60.93
CA ALA A 40 -2.01 -32.95 -61.08
C ALA A 40 -2.33 -34.07 -60.11
N ASP A 41 -1.37 -34.98 -59.88
CA ASP A 41 -1.64 -36.11 -58.96
C ASP A 41 -1.70 -35.72 -57.47
N MET A 42 -1.42 -34.46 -57.15
CA MET A 42 -1.54 -33.95 -55.77
C MET A 42 -2.89 -33.31 -55.47
N ARG A 43 -3.78 -33.24 -56.44
CA ARG A 43 -5.06 -32.52 -56.29
C ARG A 43 -6.07 -33.18 -55.33
N ASP A 44 -5.83 -34.41 -54.90
CA ASP A 44 -6.66 -35.11 -53.91
C ASP A 44 -6.22 -34.93 -52.45
N VAL A 45 -5.22 -34.07 -52.21
CA VAL A 45 -4.74 -33.80 -50.87
C VAL A 45 -5.89 -33.26 -50.01
N SER A 46 -6.00 -33.76 -48.77
CA SER A 46 -7.06 -33.35 -47.85
CA SER A 46 -7.07 -33.35 -47.86
C SER A 46 -6.59 -32.58 -46.63
N GLY A 47 -5.29 -32.52 -46.41
CA GLY A 47 -4.76 -31.79 -45.27
C GLY A 47 -3.37 -31.27 -45.52
N ILE A 48 -2.98 -30.25 -44.77
CA ILE A 48 -1.66 -29.67 -44.83
C ILE A 48 -1.11 -29.65 -43.40
N ALA A 49 0.15 -30.00 -43.26
CA ALA A 49 0.95 -29.72 -42.04
C ALA A 49 2.05 -28.78 -42.45
N VAL A 50 2.13 -27.65 -41.77
CA VAL A 50 3.02 -26.55 -42.18
C VAL A 50 3.63 -25.75 -41.04
N SER A 51 4.92 -25.42 -41.18
CA SER A 51 5.55 -24.45 -40.34
C SER A 51 5.84 -23.18 -41.20
N GLY A 52 5.41 -22.05 -40.70
CA GLY A 52 5.64 -20.76 -41.29
C GLY A 52 4.54 -20.33 -42.25
N LYS A 53 4.93 -19.87 -43.43
CA LYS A 53 3.97 -19.31 -44.39
C LYS A 53 3.28 -20.39 -45.22
N LEU A 54 1.98 -20.20 -45.40
CA LEU A 54 1.18 -20.98 -46.34
C LEU A 54 0.52 -19.99 -47.27
N PRO A 55 1.16 -19.72 -48.42
CA PRO A 55 0.60 -18.79 -49.38
C PRO A 55 -0.79 -19.20 -49.84
N VAL A 56 -1.67 -18.23 -50.02
CA VAL A 56 -3.05 -18.53 -50.43
C VAL A 56 -3.11 -19.32 -51.76
N PRO A 57 -2.27 -18.97 -52.76
CA PRO A 57 -2.34 -19.76 -54.00
C PRO A 57 -2.03 -21.24 -53.81
N LEU A 58 -1.16 -21.55 -52.83
CA LEU A 58 -0.85 -22.93 -52.51
C LEU A 58 -2.03 -23.59 -51.80
N MET A 59 -2.57 -22.92 -50.78
CA MET A 59 -3.73 -23.44 -50.05
C MET A 59 -4.89 -23.69 -51.01
N ASP A 60 -5.08 -22.78 -51.96
CA ASP A 60 -6.17 -22.88 -52.94
C ASP A 60 -5.93 -23.81 -54.15
N ALA A 61 -4.77 -24.43 -54.21
CA ALA A 61 -4.49 -25.46 -55.20
C ALA A 61 -5.16 -26.79 -54.89
N PHE A 62 -5.79 -26.90 -53.70
CA PHE A 62 -6.30 -28.17 -53.20
C PHE A 62 -7.81 -28.09 -52.96
N PRO A 63 -8.62 -28.46 -53.97
CA PRO A 63 -10.08 -28.40 -53.82
C PRO A 63 -10.68 -29.21 -52.65
N SER A 64 -10.03 -30.33 -52.27
CA SER A 64 -10.52 -31.21 -51.20
C SER A 64 -9.87 -30.94 -49.83
N LEU A 65 -9.15 -29.84 -49.71
CA LEU A 65 -8.48 -29.48 -48.45
C LEU A 65 -9.51 -29.29 -47.33
N GLU A 66 -9.28 -29.96 -46.19
CA GLU A 66 -10.16 -29.86 -45.03
C GLU A 66 -9.54 -29.22 -43.81
N ILE A 67 -8.21 -29.27 -43.71
CA ILE A 67 -7.52 -28.93 -42.47
C ILE A 67 -6.09 -28.46 -42.78
N VAL A 68 -5.72 -27.39 -42.10
CA VAL A 68 -4.33 -26.91 -42.05
C VAL A 68 -3.89 -27.03 -40.60
N ALA A 69 -2.92 -27.89 -40.36
CA ALA A 69 -2.38 -28.10 -39.00
C ALA A 69 -1.05 -27.32 -38.98
N ASN A 70 -1.15 -26.17 -38.34
CA ASN A 70 -0.03 -25.22 -38.16
C ASN A 70 0.89 -25.71 -37.04
N PHE A 71 2.19 -25.72 -37.34
CA PHE A 71 3.25 -26.03 -36.38
C PHE A 71 3.66 -24.73 -35.70
N GLY A 72 3.26 -24.61 -34.43
CA GLY A 72 3.41 -23.35 -33.71
C GLY A 72 2.10 -22.85 -33.17
N VAL A 73 2.17 -22.13 -32.06
CA VAL A 73 0.98 -21.47 -31.50
C VAL A 73 0.57 -20.23 -32.33
N GLY A 74 1.54 -19.50 -32.86
CA GLY A 74 1.32 -18.46 -33.84
C GLY A 74 1.01 -19.09 -35.19
N TYR A 75 -0.03 -18.58 -35.84
CA TYR A 75 -0.49 -19.10 -37.11
C TYR A 75 -0.76 -17.99 -38.13
N ASP A 76 -0.07 -16.85 -37.96
CA ASP A 76 -0.21 -15.69 -38.84
C ASP A 76 0.27 -15.94 -40.29
N GLY A 77 1.04 -17.01 -40.51
CA GLY A 77 1.42 -17.43 -41.87
C GLY A 77 0.33 -18.11 -42.65
N VAL A 78 -0.77 -18.46 -41.98
CA VAL A 78 -1.94 -19.07 -42.61
C VAL A 78 -2.99 -17.94 -42.74
N ASP A 79 -3.59 -17.83 -43.92
CA ASP A 79 -4.67 -16.86 -44.11
C ASP A 79 -5.97 -17.49 -43.55
N VAL A 80 -6.16 -17.30 -42.25
CA VAL A 80 -7.27 -17.93 -41.53
C VAL A 80 -8.64 -17.43 -42.02
N SER A 81 -8.70 -16.17 -42.44
CA SER A 81 -9.93 -15.63 -43.05
C SER A 81 -10.33 -16.41 -44.30
N ARG A 82 -9.36 -16.67 -45.17
CA ARG A 82 -9.56 -17.45 -46.37
C ARG A 82 -9.89 -18.90 -46.06
N ALA A 83 -9.21 -19.50 -45.09
CA ALA A 83 -9.50 -20.86 -44.65
C ALA A 83 -10.94 -20.92 -44.14
N ALA A 84 -11.32 -19.96 -43.31
CA ALA A 84 -12.69 -19.95 -42.77
C ALA A 84 -13.72 -19.82 -43.88
N ALA A 85 -13.48 -18.93 -44.85
CA ALA A 85 -14.38 -18.75 -45.98
C ALA A 85 -14.61 -20.06 -46.77
N ARG A 86 -13.60 -20.92 -46.84
CA ARG A 86 -13.65 -22.21 -47.50
C ARG A 86 -14.11 -23.37 -46.60
N GLY A 87 -14.47 -23.09 -45.35
CA GLY A 87 -14.85 -24.15 -44.40
C GLY A 87 -13.71 -25.06 -43.97
N ILE A 88 -12.48 -24.57 -44.08
CA ILE A 88 -11.27 -25.33 -43.72
C ILE A 88 -10.86 -25.01 -42.27
N VAL A 89 -10.72 -26.04 -41.47
CA VAL A 89 -10.30 -25.86 -40.08
C VAL A 89 -8.81 -25.57 -40.05
N VAL A 90 -8.39 -24.71 -39.14
CA VAL A 90 -6.98 -24.48 -38.91
C VAL A 90 -6.70 -24.82 -37.46
N THR A 91 -5.62 -25.58 -37.24
CA THR A 91 -5.19 -25.91 -35.89
C THR A 91 -3.80 -25.36 -35.60
N ASN A 92 -3.54 -25.10 -34.34
CA ASN A 92 -2.20 -24.65 -33.91
C ASN A 92 -1.65 -25.52 -32.79
N THR A 93 -0.58 -25.09 -32.14
CA THR A 93 0.04 -25.87 -31.08
C THR A 93 0.21 -25.04 -29.82
N PRO A 94 -0.91 -24.66 -29.20
CA PRO A 94 -0.83 -23.96 -27.93
C PRO A 94 -0.43 -24.90 -26.82
N ASP A 95 -0.07 -24.28 -25.68
CA ASP A 95 0.09 -24.97 -24.39
C ASP A 95 1.33 -25.84 -24.22
N VAL A 96 1.61 -26.71 -25.20
CA VAL A 96 2.79 -27.58 -25.14
C VAL A 96 4.14 -26.85 -25.16
N LEU A 97 4.14 -25.57 -25.56
CA LEU A 97 5.34 -24.77 -25.64
C LEU A 97 5.35 -23.60 -24.68
N THR A 98 4.30 -23.46 -23.85
CA THR A 98 4.08 -22.24 -23.08
C THR A 98 5.25 -21.96 -22.12
N GLU A 99 5.58 -22.96 -21.33
CA GLU A 99 6.62 -22.83 -20.30
C GLU A 99 8.00 -22.69 -20.94
N GLU A 100 8.25 -23.40 -22.04
CA GLU A 100 9.49 -23.29 -22.78
C GLU A 100 9.74 -21.87 -23.27
N VAL A 101 8.73 -21.29 -23.91
CA VAL A 101 8.82 -19.93 -24.46
C VAL A 101 9.00 -18.91 -23.33
N ALA A 102 8.26 -19.08 -22.26
CA ALA A 102 8.42 -18.21 -21.07
C ALA A 102 9.85 -18.28 -20.52
N ASP A 103 10.40 -19.48 -20.50
CA ASP A 103 11.82 -19.69 -20.05
C ASP A 103 12.76 -18.87 -20.92
N THR A 104 12.61 -19.01 -22.24
CA THR A 104 13.46 -18.29 -23.16
C THR A 104 13.35 -16.78 -23.01
N ALA A 105 12.12 -16.29 -22.81
CA ALA A 105 11.87 -14.88 -22.62
C ALA A 105 12.68 -14.34 -21.41
N ILE A 106 12.67 -15.08 -20.32
CA ILE A 106 13.42 -14.68 -19.14
C ILE A 106 14.92 -14.70 -19.43
N GLY A 107 15.38 -15.76 -20.07
CA GLY A 107 16.81 -15.86 -20.44
C GLY A 107 17.26 -14.71 -21.33
N LEU A 108 16.45 -14.39 -22.35
CA LEU A 108 16.73 -13.27 -23.23
C LEU A 108 16.73 -11.91 -22.48
N LEU A 109 15.78 -11.73 -21.58
CA LEU A 109 15.76 -10.53 -20.76
C LEU A 109 17.08 -10.41 -19.94
N LEU A 110 17.44 -11.46 -19.25
CA LEU A 110 18.68 -11.45 -18.43
C LEU A 110 19.96 -11.23 -19.28
N ASN A 111 19.97 -11.83 -20.47
CA ASN A 111 21.10 -11.68 -21.39
C ASN A 111 21.21 -10.24 -21.89
N THR A 112 20.05 -9.62 -22.14
CA THR A 112 19.98 -8.22 -22.58
C THR A 112 20.44 -7.25 -21.48
N LEU A 113 20.02 -7.50 -20.28
CA LEU A 113 20.35 -6.62 -19.15
C LEU A 113 21.76 -6.77 -18.63
N ARG A 114 22.22 -8.01 -18.49
CA ARG A 114 23.51 -8.31 -17.84
C ARG A 114 24.63 -8.61 -18.82
N LEU A 115 24.32 -8.64 -20.11
CA LEU A 115 25.35 -8.82 -21.17
C LEU A 115 26.09 -10.17 -21.05
N LEU A 116 25.37 -11.20 -20.59
CA LEU A 116 25.97 -12.49 -20.34
C LEU A 116 26.63 -13.08 -21.59
N PRO A 117 25.94 -13.00 -22.76
CA PRO A 117 26.65 -13.53 -23.97
C PRO A 117 27.97 -12.80 -24.25
N GLN A 118 27.97 -11.49 -24.13
CA GLN A 118 29.18 -10.68 -24.29
C GLN A 118 30.26 -11.03 -23.27
N ALA A 119 29.85 -11.29 -22.03
CA ALA A 119 30.80 -11.63 -20.97
C ALA A 119 31.47 -13.00 -21.30
N GLU A 120 30.67 -13.92 -21.80
CA GLU A 120 31.18 -15.23 -22.23
C GLU A 120 32.14 -15.12 -23.41
N GLN A 121 31.82 -14.25 -24.37
CA GLN A 121 32.75 -13.99 -25.48
C GLN A 121 34.06 -13.42 -25.00
N TRP A 122 33.99 -12.47 -24.06
CA TRP A 122 35.19 -11.88 -23.41
C TRP A 122 36.08 -12.98 -22.84
N LEU A 123 35.48 -13.91 -22.12
CA LEU A 123 36.22 -15.02 -21.53
C LEU A 123 36.82 -15.95 -22.62
N ARG A 124 35.98 -16.35 -23.59
CA ARG A 124 36.37 -17.31 -24.61
C ARG A 124 37.43 -16.74 -25.55
N GLN A 125 37.46 -15.42 -25.70
CA GLN A 125 38.49 -14.78 -26.53
C GLN A 125 39.78 -14.48 -25.78
N GLY A 126 39.88 -14.90 -24.52
CA GLY A 126 41.11 -14.73 -23.76
C GLY A 126 41.29 -13.38 -23.09
N ARG A 127 40.24 -12.56 -23.09
CA ARG A 127 40.33 -11.20 -22.54
C ARG A 127 40.32 -11.16 -21.01
N TRP A 128 39.75 -12.17 -20.37
CA TRP A 128 39.79 -12.24 -18.91
C TRP A 128 41.20 -12.35 -18.41
N VAL A 129 42.00 -13.20 -19.08
CA VAL A 129 43.40 -13.41 -18.75
C VAL A 129 44.21 -12.14 -19.05
N ARG A 130 44.06 -11.60 -20.26
CA ARG A 130 44.94 -10.53 -20.77
C ARG A 130 44.54 -9.12 -20.32
N GLU A 131 43.24 -8.84 -20.21
CA GLU A 131 42.74 -7.54 -19.82
C GLU A 131 42.02 -7.46 -18.46
N GLY A 132 41.70 -8.57 -17.84
CA GLY A 132 40.99 -8.57 -16.58
C GLY A 132 39.47 -8.63 -16.71
N ALA A 133 38.78 -8.14 -15.68
CA ALA A 133 37.31 -8.34 -15.60
C ALA A 133 36.57 -7.77 -16.79
N PHE A 134 35.52 -8.46 -17.20
CA PHE A 134 34.54 -7.91 -18.13
C PHE A 134 33.98 -6.63 -17.50
N PRO A 135 33.77 -5.57 -18.28
CA PRO A 135 33.14 -4.35 -17.69
C PRO A 135 31.81 -4.64 -17.01
N LEU A 136 31.54 -3.91 -15.93
CA LEU A 136 30.28 -3.97 -15.23
C LEU A 136 29.12 -3.62 -16.17
N SER A 137 28.03 -4.37 -16.08
CA SER A 137 26.84 -4.04 -16.90
C SER A 137 26.16 -2.78 -16.38
N PRO A 138 25.92 -1.80 -17.26
CA PRO A 138 25.21 -0.60 -16.79
C PRO A 138 23.80 -0.92 -16.32
N LEU A 139 23.17 -1.96 -16.89
CA LEU A 139 21.80 -2.34 -16.55
C LEU A 139 21.75 -3.55 -15.60
N SER A 140 20.59 -3.70 -15.01
CA SER A 140 20.31 -4.79 -14.08
C SER A 140 18.77 -4.96 -14.06
N LEU A 141 18.32 -6.14 -13.64
CA LEU A 141 16.88 -6.36 -13.43
C LEU A 141 16.44 -5.71 -12.14
N ARG A 142 17.38 -5.52 -11.20
CA ARG A 142 17.02 -4.98 -9.88
C ARG A 142 16.31 -3.60 -10.03
N GLY A 143 15.14 -3.47 -9.40
CA GLY A 143 14.39 -2.23 -9.39
C GLY A 143 13.58 -1.91 -10.63
N ARG A 144 13.59 -2.80 -11.62
CA ARG A 144 12.84 -2.59 -12.85
C ARG A 144 11.36 -2.80 -12.69
N THR A 145 10.63 -2.23 -13.65
CA THR A 145 9.18 -2.30 -13.75
CA THR A 145 9.17 -2.31 -13.74
C THR A 145 8.88 -2.86 -15.14
N VAL A 146 8.24 -4.02 -15.19
CA VAL A 146 8.06 -4.72 -16.44
C VAL A 146 6.62 -4.63 -16.89
N GLY A 147 6.44 -4.21 -18.15
CA GLY A 147 5.12 -4.20 -18.79
C GLY A 147 5.04 -5.31 -19.81
N LEU A 148 4.02 -6.15 -19.71
CA LEU A 148 3.80 -7.22 -20.67
C LEU A 148 2.74 -6.74 -21.67
N PHE A 149 3.13 -6.67 -22.93
CA PHE A 149 2.21 -6.43 -24.03
C PHE A 149 1.74 -7.82 -24.45
N GLY A 150 0.51 -8.18 -24.10
CA GLY A 150 0.06 -9.57 -24.16
C GLY A 150 0.14 -10.22 -22.79
N LEU A 151 -0.95 -10.86 -22.37
CA LEU A 151 -0.95 -11.55 -21.09
C LEU A 151 -1.82 -12.80 -21.24
N GLY A 152 -1.51 -13.57 -22.27
CA GLY A 152 -2.26 -14.78 -22.61
C GLY A 152 -1.61 -16.00 -21.98
N ARG A 153 -1.58 -17.10 -22.72
CA ARG A 153 -0.96 -18.32 -22.18
C ARG A 153 0.51 -18.04 -21.80
N ILE A 154 1.24 -17.49 -22.75
CA ILE A 154 2.68 -17.25 -22.58
C ILE A 154 2.94 -16.01 -21.72
N GLY A 155 2.23 -14.91 -21.99
CA GLY A 155 2.37 -13.71 -21.18
C GLY A 155 2.19 -13.94 -19.69
N LEU A 156 1.15 -14.71 -19.34
CA LEU A 156 0.94 -15.03 -17.94
C LEU A 156 2.09 -15.86 -17.36
N ALA A 157 2.59 -16.83 -18.13
CA ALA A 157 3.72 -17.66 -17.69
C ALA A 157 4.97 -16.83 -17.44
N ILE A 158 5.21 -15.82 -18.28
CA ILE A 158 6.33 -14.88 -18.10
C ILE A 158 6.11 -14.06 -16.82
N ALA A 159 4.91 -13.51 -16.66
CA ALA A 159 4.56 -12.77 -15.46
C ALA A 159 4.76 -13.59 -14.17
N ARG A 160 4.38 -14.86 -14.19
CA ARG A 160 4.58 -15.73 -13.02
C ARG A 160 6.06 -15.89 -12.66
N ARG A 161 6.91 -16.01 -13.69
CA ARG A 161 8.36 -16.07 -13.45
C ARG A 161 8.83 -14.77 -12.86
N LEU A 162 8.43 -13.65 -13.46
CA LEU A 162 8.88 -12.34 -13.04
C LEU A 162 8.46 -12.01 -11.61
N GLU A 163 7.29 -12.48 -11.20
CA GLU A 163 6.84 -12.33 -9.77
C GLU A 163 7.93 -12.76 -8.79
N ALA A 164 8.62 -13.85 -9.10
CA ALA A 164 9.68 -14.39 -8.23
C ALA A 164 11.00 -13.64 -8.26
N PHE A 165 11.17 -12.72 -9.21
CA PHE A 165 12.37 -11.90 -9.32
C PHE A 165 12.27 -10.54 -8.61
N GLY A 166 11.14 -10.28 -7.93
CA GLY A 166 10.98 -9.06 -7.19
C GLY A 166 10.86 -7.77 -7.98
N VAL A 167 10.26 -7.85 -9.17
CA VAL A 167 9.98 -6.66 -9.98
C VAL A 167 8.48 -6.38 -10.05
N SER A 168 8.15 -5.11 -10.28
CA SER A 168 6.77 -4.71 -10.53
C SER A 168 6.32 -5.20 -11.87
N ILE A 169 5.06 -5.61 -11.96
CA ILE A 169 4.49 -6.17 -13.19
C ILE A 169 3.23 -5.43 -13.59
N ALA A 170 3.19 -4.97 -14.83
CA ALA A 170 2.00 -4.37 -15.41
C ALA A 170 1.73 -5.06 -16.74
N TYR A 171 0.54 -4.84 -17.29
CA TYR A 171 0.23 -5.45 -18.61
C TYR A 171 -0.75 -4.65 -19.43
N HIS A 172 -0.70 -4.87 -20.73
CA HIS A 172 -1.63 -4.28 -21.69
C HIS A 172 -2.17 -5.35 -22.63
N THR A 173 -3.48 -5.40 -22.71
CA THR A 173 -4.23 -6.31 -23.59
C THR A 173 -5.50 -5.50 -23.94
N ARG A 174 -6.30 -5.98 -24.88
CA ARG A 174 -7.54 -5.27 -25.24
C ARG A 174 -8.60 -5.38 -24.16
N THR A 175 -8.62 -6.51 -23.45
CA THR A 175 -9.55 -6.72 -22.34
C THR A 175 -8.73 -7.10 -21.10
N PRO A 176 -9.03 -6.46 -19.94
CA PRO A 176 -8.31 -6.86 -18.72
C PRO A 176 -8.64 -8.29 -18.29
N ARG A 177 -7.69 -8.95 -17.61
CA ARG A 177 -7.90 -10.26 -17.01
C ARG A 177 -8.09 -10.05 -15.51
N GLU A 178 -9.35 -10.06 -15.07
CA GLU A 178 -9.69 -9.91 -13.66
C GLU A 178 -9.26 -11.16 -12.89
N GLY A 179 -8.95 -10.98 -11.61
CA GLY A 179 -8.47 -12.07 -10.75
C GLY A 179 -6.98 -12.02 -10.49
N LEU A 180 -6.22 -11.44 -11.42
CA LEU A 180 -4.78 -11.30 -11.29
C LEU A 180 -4.50 -9.96 -10.61
N GLY A 181 -3.43 -9.91 -9.83
CA GLY A 181 -3.06 -8.69 -9.12
C GLY A 181 -2.05 -7.81 -9.83
N PHE A 182 -2.09 -7.79 -11.16
CA PHE A 182 -1.19 -6.96 -11.95
C PHE A 182 -1.92 -5.71 -12.43
N THR A 183 -1.17 -4.62 -12.57
CA THR A 183 -1.71 -3.36 -13.06
C THR A 183 -2.00 -3.43 -14.56
N TYR A 184 -3.27 -3.24 -14.90
CA TYR A 184 -3.73 -3.12 -16.29
C TYR A 184 -3.57 -1.69 -16.79
N HIS A 185 -3.10 -1.56 -18.01
CA HIS A 185 -3.04 -0.30 -18.76
C HIS A 185 -3.90 -0.45 -20.00
N PRO A 186 -4.88 0.45 -20.19
CA PRO A 186 -5.72 0.35 -21.38
C PRO A 186 -5.05 0.76 -22.71
N THR A 187 -3.89 1.42 -22.66
CA THR A 187 -3.15 1.72 -23.87
C THR A 187 -1.70 1.23 -23.76
N LEU A 188 -1.13 0.85 -24.90
CA LEU A 188 0.27 0.43 -24.95
C LEU A 188 1.21 1.59 -24.57
N VAL A 189 0.97 2.76 -25.16
CA VAL A 189 1.85 3.91 -24.92
C VAL A 189 1.82 4.36 -23.45
N GLY A 190 0.66 4.28 -22.81
CA GLY A 190 0.53 4.57 -21.37
C GLY A 190 1.31 3.58 -20.49
N MET A 191 1.28 2.29 -20.85
CA MET A 191 2.09 1.31 -20.15
C MET A 191 3.56 1.62 -20.35
N ALA A 192 3.95 1.87 -21.60
CA ALA A 192 5.34 2.19 -21.93
C ALA A 192 5.87 3.34 -21.09
N GLU A 193 5.08 4.41 -20.97
CA GLU A 193 5.42 5.57 -20.13
C GLU A 193 5.81 5.11 -18.72
N ALA A 194 4.92 4.28 -18.15
CA ALA A 194 4.95 3.83 -16.76
C ALA A 194 6.04 2.82 -16.41
N VAL A 195 6.54 2.09 -17.41
CA VAL A 195 7.48 0.98 -17.17
C VAL A 195 8.85 1.33 -17.77
N ASP A 196 9.85 0.53 -17.43
CA ASP A 196 11.17 0.65 -18.06
C ASP A 196 11.56 -0.61 -18.84
N THR A 197 10.68 -1.60 -18.87
CA THR A 197 10.98 -2.90 -19.48
C THR A 197 9.68 -3.39 -20.14
N LEU A 198 9.71 -3.57 -21.45
CA LEU A 198 8.51 -3.90 -22.23
C LEU A 198 8.76 -5.26 -22.90
N ILE A 199 7.94 -6.25 -22.55
CA ILE A 199 8.02 -7.59 -23.13
C ILE A 199 6.85 -7.77 -24.06
N VAL A 200 7.16 -8.04 -25.32
CA VAL A 200 6.16 -8.23 -26.39
C VAL A 200 5.85 -9.71 -26.59
N ILE A 201 4.59 -10.06 -26.38
CA ILE A 201 4.12 -11.45 -26.46
C ILE A 201 2.64 -11.48 -26.88
N VAL A 202 2.37 -10.73 -27.95
CA VAL A 202 1.07 -10.78 -28.66
C VAL A 202 1.24 -11.52 -30.00
N PRO A 203 0.13 -11.99 -30.59
CA PRO A 203 0.22 -12.56 -31.93
C PRO A 203 0.56 -11.47 -32.95
N GLY A 204 1.03 -11.89 -34.14
CA GLY A 204 1.30 -11.00 -35.26
C GLY A 204 0.07 -10.84 -36.12
N THR A 205 -0.83 -9.96 -35.72
CA THR A 205 -2.05 -9.70 -36.47
C THR A 205 -2.09 -8.26 -36.97
N ALA A 206 -3.11 -7.94 -37.77
CA ALA A 206 -3.35 -6.57 -38.21
C ALA A 206 -3.41 -5.59 -37.01
N SER A 207 -4.00 -6.03 -35.92
CA SER A 207 -4.20 -5.17 -34.74
C SER A 207 -2.90 -4.88 -33.99
N THR A 208 -1.88 -5.74 -34.16
CA THR A 208 -0.59 -5.49 -33.50
C THR A 208 0.53 -5.03 -34.44
N LEU A 209 0.23 -4.89 -35.73
CA LEU A 209 1.24 -4.51 -36.71
C LEU A 209 1.90 -3.18 -36.38
N LYS A 210 3.22 -3.21 -36.16
CA LYS A 210 3.99 -2.02 -35.78
C LYS A 210 3.42 -1.26 -34.58
N ALA A 211 2.83 -2.01 -33.65
CA ALA A 211 2.27 -1.40 -32.44
C ALA A 211 3.40 -0.78 -31.61
N VAL A 212 4.55 -1.46 -31.57
CA VAL A 212 5.73 -0.92 -30.91
C VAL A 212 6.45 -0.01 -31.91
N ASN A 213 6.08 1.26 -31.86
CA ASN A 213 6.50 2.26 -32.82
C ASN A 213 7.37 3.32 -32.09
N ALA A 214 7.74 4.36 -32.83
CA ALA A 214 8.57 5.45 -32.29
C ALA A 214 8.02 6.07 -31.00
N ASP A 215 6.71 6.29 -30.94
CA ASP A 215 6.05 6.86 -29.75
C ASP A 215 6.19 5.95 -28.52
N VAL A 216 5.97 4.64 -28.72
CA VAL A 216 6.04 3.66 -27.64
C VAL A 216 7.48 3.56 -27.14
N LEU A 217 8.43 3.54 -28.06
CA LEU A 217 9.84 3.47 -27.71
C LEU A 217 10.29 4.73 -26.95
N SER A 218 9.83 5.90 -27.42
CA SER A 218 10.08 7.15 -26.71
C SER A 218 9.51 7.14 -25.28
N ALA A 219 8.27 6.66 -25.11
CA ALA A 219 7.65 6.54 -23.78
C ALA A 219 8.38 5.54 -22.85
N LEU A 220 8.90 4.48 -23.46
CA LEU A 220 9.63 3.48 -22.71
C LEU A 220 10.77 4.14 -21.95
N GLY A 221 11.53 4.98 -22.67
CA GLY A 221 12.45 5.94 -22.06
C GLY A 221 13.93 5.48 -22.06
N PRO A 222 14.82 6.34 -21.55
CA PRO A 222 16.28 6.13 -21.67
C PRO A 222 16.89 4.98 -20.84
N LYS A 223 16.14 4.41 -19.89
CA LYS A 223 16.53 3.17 -19.24
C LYS A 223 15.75 2.00 -19.82
N GLY A 224 15.05 2.24 -20.92
CA GLY A 224 14.08 1.30 -21.44
C GLY A 224 14.73 0.13 -22.12
N VAL A 225 14.20 -1.05 -21.85
CA VAL A 225 14.63 -2.28 -22.51
C VAL A 225 13.40 -2.94 -23.15
N LEU A 226 13.52 -3.26 -24.45
CA LEU A 226 12.48 -3.92 -25.22
C LEU A 226 12.88 -5.36 -25.42
N ILE A 227 11.98 -6.28 -25.09
CA ILE A 227 12.18 -7.71 -25.37
C ILE A 227 11.05 -8.17 -26.29
N ASN A 228 11.38 -8.73 -27.45
CA ASN A 228 10.35 -9.26 -28.36
C ASN A 228 10.48 -10.75 -28.55
N VAL A 229 9.50 -11.47 -28.03
CA VAL A 229 9.39 -12.95 -28.20
C VAL A 229 8.07 -13.33 -28.89
N GLY A 230 7.40 -12.34 -29.48
CA GLY A 230 6.11 -12.56 -30.17
C GLY A 230 6.28 -12.76 -31.65
N ARG A 231 6.05 -11.70 -32.40
CA ARG A 231 6.32 -11.66 -33.82
C ARG A 231 7.03 -10.35 -34.14
N GLY A 232 7.98 -10.48 -35.08
CA GLY A 232 8.72 -9.35 -35.62
C GLY A 232 7.85 -8.20 -36.14
N SER A 233 6.74 -8.54 -36.77
CA SER A 233 5.82 -7.56 -37.36
C SER A 233 5.27 -6.54 -36.37
N THR A 234 5.19 -6.95 -35.10
CA THR A 234 4.64 -6.12 -34.03
C THR A 234 5.54 -4.93 -33.69
N VAL A 235 6.83 -5.05 -33.98
CA VAL A 235 7.81 -3.98 -33.78
C VAL A 235 8.11 -3.30 -35.13
N ASP A 236 8.11 -1.98 -35.11
CA ASP A 236 8.59 -1.18 -36.22
C ASP A 236 10.12 -1.25 -36.19
N GLU A 237 10.68 -2.13 -37.00
CA GLU A 237 12.10 -2.45 -36.90
C GLU A 237 12.99 -1.25 -37.22
N ALA A 238 12.64 -0.50 -38.26
CA ALA A 238 13.31 0.75 -38.59
C ALA A 238 13.29 1.74 -37.43
N ALA A 239 12.14 1.90 -36.78
CA ALA A 239 12.00 2.82 -35.62
C ALA A 239 12.82 2.35 -34.41
N LEU A 240 12.94 1.04 -34.25
CA LEU A 240 13.75 0.47 -33.18
C LEU A 240 15.22 0.76 -33.41
N VAL A 241 15.68 0.61 -34.66
CA VAL A 241 17.07 0.87 -34.98
C VAL A 241 17.38 2.35 -34.71
N THR A 242 16.48 3.23 -35.09
CA THR A 242 16.62 4.66 -34.82
C THR A 242 16.68 4.97 -33.31
N ALA A 243 15.78 4.38 -32.55
CA ALA A 243 15.74 4.56 -31.08
C ALA A 243 17.03 4.10 -30.41
N LEU A 244 17.51 2.94 -30.83
CA LEU A 244 18.78 2.41 -30.32
C LEU A 244 19.94 3.30 -30.69
N GLN A 245 19.99 3.71 -31.95
CA GLN A 245 21.06 4.61 -32.45
C GLN A 245 21.10 5.94 -31.67
N ASN A 246 19.94 6.53 -31.38
CA ASN A 246 19.83 7.82 -30.69
C ASN A 246 19.92 7.74 -29.17
N GLY A 247 19.90 6.54 -28.60
CA GLY A 247 19.85 6.36 -27.16
C GLY A 247 18.49 6.69 -26.56
N THR A 248 17.45 6.65 -27.40
CA THR A 248 16.08 6.82 -26.94
C THR A 248 15.72 5.73 -25.93
N ILE A 249 16.20 4.51 -26.17
CA ILE A 249 16.11 3.41 -25.21
C ILE A 249 17.52 2.86 -24.89
N ALA A 250 17.60 2.02 -23.84
CA ALA A 250 18.87 1.52 -23.33
C ALA A 250 19.36 0.22 -23.95
N GLY A 251 18.43 -0.58 -24.45
CA GLY A 251 18.79 -1.88 -25.04
C GLY A 251 17.58 -2.67 -25.52
N ALA A 252 17.87 -3.81 -26.14
CA ALA A 252 16.81 -4.65 -26.69
C ALA A 252 17.27 -6.09 -26.78
N GLY A 253 16.32 -7.03 -26.63
CA GLY A 253 16.52 -8.45 -26.84
C GLY A 253 15.41 -8.92 -27.78
N LEU A 254 15.79 -9.53 -28.90
CA LEU A 254 14.84 -9.91 -29.95
C LEU A 254 15.05 -11.35 -30.38
N ASP A 255 13.96 -12.13 -30.37
CA ASP A 255 13.94 -13.52 -30.86
C ASP A 255 13.31 -13.62 -32.28
N VAL A 256 12.63 -12.56 -32.69
CA VAL A 256 11.77 -12.53 -33.88
C VAL A 256 11.99 -11.20 -34.64
N PHE A 257 11.80 -11.24 -35.97
CA PHE A 257 12.18 -10.18 -36.87
C PHE A 257 11.14 -10.06 -38.01
N GLU A 258 11.11 -8.90 -38.63
CA GLU A 258 10.23 -8.60 -39.77
C GLU A 258 10.36 -9.54 -40.95
N ASN A 259 11.61 -9.89 -41.29
CA ASN A 259 11.86 -10.68 -42.49
C ASN A 259 12.88 -11.80 -42.23
N GLU A 260 12.53 -12.71 -41.33
CA GLU A 260 13.42 -13.82 -40.96
C GLU A 260 13.74 -14.70 -42.18
N PRO A 261 14.98 -15.20 -42.30
CA PRO A 261 16.11 -15.06 -41.37
C PRO A 261 16.98 -13.82 -41.54
N ASN A 262 16.47 -12.80 -42.22
CA ASN A 262 17.25 -11.59 -42.43
C ASN A 262 17.12 -10.67 -41.22
N VAL A 263 18.27 -10.23 -40.73
CA VAL A 263 18.33 -9.26 -39.65
C VAL A 263 19.06 -8.05 -40.19
N PRO A 264 18.49 -6.84 -40.06
CA PRO A 264 19.18 -5.66 -40.60
C PRO A 264 20.56 -5.45 -39.96
N GLU A 265 21.52 -5.11 -40.82
CA GLU A 265 22.91 -4.90 -40.43
C GLU A 265 23.07 -3.96 -39.24
N ALA A 266 22.24 -2.91 -39.17
CA ALA A 266 22.34 -1.93 -38.08
C ALA A 266 22.04 -2.58 -36.74
N LEU A 267 21.05 -3.49 -36.71
CA LEU A 267 20.72 -4.15 -35.45
C LEU A 267 21.88 -5.01 -34.93
N LEU A 268 22.65 -5.59 -35.85
CA LEU A 268 23.78 -6.44 -35.50
C LEU A 268 24.94 -5.65 -34.87
N SER A 269 24.96 -4.34 -35.11
CA SER A 269 26.03 -3.45 -34.67
C SER A 269 26.05 -3.09 -33.20
N PHE A 270 24.89 -3.09 -32.56
CA PHE A 270 24.73 -2.49 -31.24
C PHE A 270 25.32 -3.42 -30.17
N PRO A 271 26.17 -2.89 -29.26
CA PRO A 271 26.68 -3.72 -28.16
C PRO A 271 25.71 -3.93 -26.99
N ASN A 272 24.53 -3.30 -27.05
CA ASN A 272 23.53 -3.35 -25.96
C ASN A 272 22.25 -4.11 -26.41
N VAL A 273 22.43 -4.99 -27.41
CA VAL A 273 21.34 -5.76 -27.98
C VAL A 273 21.70 -7.23 -28.03
N SER A 274 20.73 -8.07 -27.63
CA SER A 274 20.80 -9.50 -27.76
C SER A 274 19.86 -9.94 -28.88
N LEU A 275 20.37 -10.81 -29.74
CA LEU A 275 19.62 -11.34 -30.87
C LEU A 275 19.63 -12.84 -30.91
N LEU A 276 18.44 -13.44 -31.08
CA LEU A 276 18.31 -14.89 -31.18
C LEU A 276 17.54 -15.26 -32.44
N PRO A 277 17.91 -16.38 -33.08
CA PRO A 277 17.25 -16.77 -34.35
C PRO A 277 15.93 -17.54 -34.17
N HIS A 278 14.95 -16.88 -33.54
CA HIS A 278 13.62 -17.44 -33.33
C HIS A 278 13.70 -18.83 -32.62
N VAL A 279 14.31 -18.83 -31.44
CA VAL A 279 14.57 -20.05 -30.69
C VAL A 279 13.66 -20.27 -29.50
N ALA A 280 12.68 -19.39 -29.23
CA ALA A 280 12.02 -19.47 -27.92
C ALA A 280 11.40 -20.84 -27.60
N SER A 281 10.90 -21.56 -28.59
CA SER A 281 10.38 -22.95 -28.39
C SER A 281 11.32 -24.08 -28.81
N ALA A 282 12.55 -23.74 -29.20
CA ALA A 282 13.43 -24.63 -29.97
C ALA A 282 14.33 -25.56 -29.13
N SER A 283 13.71 -26.31 -28.21
CA SER A 283 14.36 -27.46 -27.59
C SER A 283 13.83 -28.70 -28.26
N VAL A 284 14.61 -29.76 -28.16
CA VAL A 284 14.17 -31.07 -28.69
C VAL A 284 12.83 -31.49 -28.07
N VAL A 285 12.74 -31.45 -26.75
CA VAL A 285 11.52 -31.91 -26.07
C VAL A 285 10.27 -31.11 -26.48
N THR A 286 10.40 -29.78 -26.55
CA THR A 286 9.24 -28.94 -26.88
C THR A 286 8.87 -29.05 -28.34
N ARG A 287 9.85 -29.12 -29.23
CA ARG A 287 9.56 -29.31 -30.64
C ARG A 287 8.99 -30.68 -30.94
N ASN A 288 9.38 -31.68 -30.18
CA ASN A 288 8.76 -33.02 -30.27
C ASN A 288 7.31 -32.95 -29.85
N ALA A 289 7.01 -32.23 -28.75
CA ALA A 289 5.63 -32.06 -28.29
C ALA A 289 4.78 -31.29 -29.30
N MET A 290 5.34 -30.25 -29.90
CA MET A 290 4.67 -29.52 -30.98
C MET A 290 4.40 -30.40 -32.19
N SER A 291 5.41 -31.17 -32.59
CA SER A 291 5.23 -32.16 -33.68
C SER A 291 4.11 -33.13 -33.38
N ASP A 292 4.09 -33.65 -32.16
CA ASP A 292 3.02 -34.59 -31.72
C ASP A 292 1.65 -33.95 -31.82
N LEU A 293 1.53 -32.69 -31.43
CA LEU A 293 0.24 -32.01 -31.45
C LEU A 293 -0.25 -31.72 -32.86
N VAL A 294 0.65 -31.38 -33.77
CA VAL A 294 0.30 -31.25 -35.21
C VAL A 294 -0.29 -32.59 -35.71
N VAL A 295 0.44 -33.66 -35.52
CA VAL A 295 0.00 -34.96 -36.00
C VAL A 295 -1.28 -35.41 -35.31
N ASP A 296 -1.34 -35.28 -34.00
CA ASP A 296 -2.54 -35.68 -33.24
C ASP A 296 -3.75 -34.86 -33.59
N ASN A 297 -3.58 -33.59 -33.95
CA ASN A 297 -4.72 -32.78 -34.51
C ASN A 297 -5.22 -33.43 -35.80
N LEU A 298 -4.33 -33.82 -36.68
CA LEU A 298 -4.75 -34.42 -37.97
C LEU A 298 -5.44 -35.76 -37.71
N LYS A 299 -4.85 -36.57 -36.83
CA LYS A 299 -5.41 -37.88 -36.49
C LYS A 299 -6.81 -37.75 -35.87
N ALA A 300 -6.96 -36.83 -34.93
CA ALA A 300 -8.27 -36.57 -34.31
C ALA A 300 -9.28 -36.12 -35.35
N TRP A 301 -8.88 -35.18 -36.20
CA TRP A 301 -9.81 -34.68 -37.23
C TRP A 301 -10.33 -35.78 -38.11
N PHE A 302 -9.43 -36.59 -38.65
CA PHE A 302 -9.85 -37.62 -39.62
C PHE A 302 -10.51 -38.83 -38.97
N SER A 303 -10.22 -39.08 -37.69
CA SER A 303 -10.79 -40.24 -37.02
C SER A 303 -12.10 -39.93 -36.28
N THR A 304 -12.17 -38.74 -35.67
CA THR A 304 -13.31 -38.36 -34.84
C THR A 304 -14.13 -37.16 -35.36
N GLY A 305 -13.57 -36.39 -36.27
CA GLY A 305 -14.20 -35.17 -36.77
C GLY A 305 -14.01 -33.94 -35.91
N GLU A 306 -13.27 -34.08 -34.81
CA GLU A 306 -13.04 -32.99 -33.87
C GLU A 306 -11.55 -32.86 -33.70
N ALA A 307 -11.03 -31.67 -34.02
CA ALA A 307 -9.63 -31.38 -33.81
C ALA A 307 -9.38 -31.21 -32.32
N LEU A 308 -8.11 -31.25 -31.94
CA LEU A 308 -7.72 -31.04 -30.55
C LEU A 308 -7.61 -29.54 -30.22
N THR A 309 -6.92 -28.81 -31.07
CA THR A 309 -6.64 -27.37 -30.89
C THR A 309 -6.93 -26.54 -32.13
N PRO A 310 -8.21 -26.52 -32.54
CA PRO A 310 -8.56 -25.59 -33.58
C PRO A 310 -8.37 -24.15 -33.09
N VAL A 311 -8.08 -23.25 -34.01
CA VAL A 311 -7.95 -21.85 -33.69
C VAL A 311 -9.33 -21.20 -33.52
N ALA A 312 -9.34 -20.04 -32.86
CA ALA A 312 -10.60 -19.36 -32.57
C ALA A 312 -11.49 -19.09 -33.82
N GLU A 313 -10.85 -18.72 -34.92
CA GLU A 313 -11.52 -18.36 -36.16
C GLU A 313 -12.20 -19.55 -36.89
N THR A 314 -11.81 -20.78 -36.57
CA THR A 314 -12.36 -21.96 -37.23
C THR A 314 -12.80 -23.02 -36.21
N PRO A 315 -13.90 -22.76 -35.49
CA PRO A 315 -14.48 -23.75 -34.56
C PRO A 315 -15.28 -24.83 -35.30
N PHE A 316 -14.63 -25.58 -36.16
CA PHE A 316 -15.31 -26.43 -37.14
C PHE A 316 -15.27 -27.90 -36.73
N ARG A 317 -16.22 -28.66 -37.27
CA ARG A 317 -16.31 -30.11 -37.13
C ARG A 317 -16.35 -30.69 -38.53
N ARG A 318 -15.73 -31.88 -38.67
CA ARG A 318 -15.56 -32.49 -39.99
C ARG A 318 -16.89 -32.89 -40.58
N ARG A 319 -17.13 -32.54 -41.84
CA ARG A 319 -18.17 -33.13 -42.63
C ARG A 319 -17.46 -33.94 -43.72
N ALA A 320 -17.70 -35.23 -43.75
CA ALA A 320 -17.03 -36.07 -44.76
C ALA A 320 -17.82 -36.07 -46.08
N ILE A 321 -17.11 -35.70 -47.16
CA ILE A 321 -17.69 -35.57 -48.51
C ILE A 321 -17.23 -36.74 -49.43
N ARG B 4 43.37 10.54 11.49
CA ARG B 4 42.30 9.72 10.85
C ARG B 4 42.88 8.33 10.58
N PRO B 5 42.07 7.26 10.74
CA PRO B 5 42.66 5.96 10.49
C PRO B 5 43.12 5.79 9.03
N ARG B 6 44.19 5.04 8.82
CA ARG B 6 44.75 4.80 7.48
C ARG B 6 44.30 3.41 7.00
N ILE B 7 43.70 3.39 5.81
CA ILE B 7 43.17 2.19 5.22
C ILE B 7 44.00 1.81 3.99
N LEU B 8 44.51 0.58 3.98
CA LEU B 8 45.25 0.07 2.83
C LEU B 8 44.26 -0.55 1.87
N VAL B 9 44.41 -0.21 0.58
CA VAL B 9 43.65 -0.88 -0.49
C VAL B 9 44.68 -1.49 -1.43
N PRO B 10 44.84 -2.82 -1.39
CA PRO B 10 45.80 -3.46 -2.25
C PRO B 10 45.18 -3.90 -3.56
N GLY B 11 45.78 -3.48 -4.67
CA GLY B 11 45.34 -3.90 -5.99
C GLY B 11 44.05 -3.25 -6.42
N LYS B 12 43.33 -3.93 -7.30
CA LYS B 12 42.15 -3.33 -7.93
C LYS B 12 40.93 -3.41 -7.02
N ILE B 13 40.14 -2.34 -7.02
CA ILE B 13 38.86 -2.31 -6.29
C ILE B 13 37.96 -1.32 -7.00
N ASN B 14 36.65 -1.50 -6.84
CA ASN B 14 35.70 -0.57 -7.37
C ASN B 14 36.04 0.85 -6.91
N PRO B 15 36.13 1.79 -7.87
CA PRO B 15 36.46 3.17 -7.46
C PRO B 15 35.55 3.82 -6.43
N ARG B 16 34.30 3.37 -6.33
CA ARG B 16 33.39 3.86 -5.30
C ARG B 16 33.93 3.66 -3.87
N VAL B 17 34.65 2.56 -3.63
CA VAL B 17 35.33 2.35 -2.32
C VAL B 17 36.33 3.50 -2.13
N LEU B 18 37.16 3.74 -3.12
CA LEU B 18 38.20 4.77 -3.04
C LEU B 18 37.58 6.17 -2.87
N GLU B 19 36.46 6.41 -3.55
CA GLU B 19 35.74 7.67 -3.46
C GLU B 19 35.22 7.96 -2.06
N ARG B 20 34.75 6.93 -1.37
CA ARG B 20 34.08 7.13 -0.08
C ARG B 20 34.97 7.04 1.14
N LEU B 21 36.12 6.36 1.04
CA LEU B 21 37.09 6.29 2.14
C LEU B 21 37.46 7.65 2.79
N PRO B 22 37.61 8.72 1.99
CA PRO B 22 37.88 10.06 2.54
C PRO B 22 36.82 10.66 3.44
N GLU B 23 35.63 10.06 3.51
CA GLU B 23 34.64 10.48 4.50
C GLU B 23 35.17 10.42 5.92
N MET B 24 36.06 9.47 6.19
CA MET B 24 36.65 9.27 7.54
C MET B 24 38.11 8.89 7.60
N PHE B 25 38.71 8.50 6.47
CA PHE B 25 40.00 7.81 6.43
C PHE B 25 41.02 8.44 5.50
N GLU B 26 42.30 8.11 5.76
CA GLU B 26 43.38 8.25 4.76
C GLU B 26 43.50 6.91 4.04
N THR B 27 43.73 6.98 2.74
CA THR B 27 43.87 5.80 1.90
C THR B 27 45.34 5.60 1.50
N VAL B 28 45.82 4.37 1.70
CA VAL B 28 47.13 3.93 1.26
C VAL B 28 46.91 2.89 0.15
N ARG B 29 47.46 3.14 -1.04
CA ARG B 29 47.27 2.19 -2.15
C ARG B 29 48.57 1.49 -2.51
N ILE B 30 48.50 0.18 -2.70
CA ILE B 30 49.60 -0.56 -3.32
C ILE B 30 49.04 -1.31 -4.54
N GLU B 31 49.91 -1.50 -5.52
CA GLU B 31 49.47 -1.91 -6.87
C GLU B 31 49.03 -3.37 -6.92
N ARG B 32 49.51 -4.19 -5.96
CA ARG B 32 49.09 -5.58 -5.88
C ARG B 32 49.07 -5.99 -4.41
N ALA B 33 48.34 -7.07 -4.11
CA ALA B 33 48.29 -7.60 -2.75
C ALA B 33 49.55 -8.42 -2.53
N ASP B 34 50.64 -7.71 -2.20
CA ASP B 34 51.98 -8.24 -2.07
C ASP B 34 52.72 -7.52 -0.95
N ALA B 35 53.13 -8.28 0.08
CA ALA B 35 53.90 -7.74 1.22
C ALA B 35 55.19 -7.04 0.84
N ALA B 36 55.79 -7.43 -0.29
CA ALA B 36 57.00 -6.76 -0.79
C ALA B 36 56.81 -5.27 -1.11
N LEU B 37 55.57 -4.83 -1.29
CA LEU B 37 55.24 -3.43 -1.60
C LEU B 37 54.96 -2.59 -0.37
N VAL B 38 54.95 -3.21 0.80
CA VAL B 38 54.75 -2.48 2.06
C VAL B 38 56.03 -1.76 2.48
N THR B 39 55.91 -0.44 2.66
CA THR B 39 57.04 0.38 3.10
C THR B 39 56.94 0.67 4.57
N ALA B 40 58.05 1.13 5.13
CA ALA B 40 58.14 1.46 6.54
C ALA B 40 57.06 2.45 7.02
N ASP B 41 56.78 3.47 6.20
CA ASP B 41 55.79 4.49 6.57
C ASP B 41 54.32 4.00 6.50
N MET B 42 54.11 2.75 6.06
CA MET B 42 52.77 2.13 6.05
C MET B 42 52.48 1.31 7.30
N ARG B 43 53.43 1.22 8.24
CA ARG B 43 53.26 0.40 9.45
C ARG B 43 52.17 0.84 10.44
N ASP B 44 51.63 2.06 10.27
CA ASP B 44 50.51 2.56 11.10
C ASP B 44 49.10 2.31 10.53
N VAL B 45 49.02 1.54 9.44
CA VAL B 45 47.72 1.23 8.82
C VAL B 45 46.84 0.48 9.83
N SER B 46 45.57 0.85 9.93
CA SER B 46 44.63 0.20 10.88
CA SER B 46 44.63 0.21 10.88
C SER B 46 43.53 -0.62 10.22
N GLY B 47 43.38 -0.53 8.91
CA GLY B 47 42.36 -1.28 8.23
C GLY B 47 42.73 -1.58 6.80
N ILE B 48 42.11 -2.61 6.24
CA ILE B 48 42.29 -2.99 4.86
C ILE B 48 40.90 -3.09 4.22
N ALA B 49 40.79 -2.58 2.99
CA ALA B 49 39.65 -2.88 2.12
C ALA B 49 40.21 -3.62 0.94
N VAL B 50 39.64 -4.80 0.66
CA VAL B 50 40.24 -5.72 -0.34
C VAL B 50 39.19 -6.54 -1.11
N SER B 51 39.44 -6.69 -2.42
CA SER B 51 38.72 -7.64 -3.21
C SER B 51 39.69 -8.78 -3.60
N GLY B 52 39.25 -10.00 -3.31
CA GLY B 52 39.98 -11.21 -3.68
C GLY B 52 40.93 -11.68 -2.61
N LYS B 53 42.16 -11.98 -3.01
CA LYS B 53 43.14 -12.58 -2.07
C LYS B 53 43.84 -11.54 -1.19
N LEU B 54 43.98 -11.87 0.08
CA LEU B 54 44.75 -11.10 1.04
C LEU B 54 45.75 -12.06 1.65
N PRO B 55 46.95 -12.14 1.06
CA PRO B 55 47.94 -13.10 1.56
C PRO B 55 48.31 -12.83 3.00
N VAL B 56 48.53 -13.89 3.80
CA VAL B 56 48.87 -13.70 5.21
C VAL B 56 50.11 -12.81 5.43
N PRO B 57 51.17 -12.98 4.60
CA PRO B 57 52.33 -12.10 4.82
C PRO B 57 52.01 -10.60 4.67
N LEU B 58 51.04 -10.28 3.82
CA LEU B 58 50.61 -8.89 3.66
C LEU B 58 49.80 -8.46 4.87
N MET B 59 48.83 -9.28 5.27
CA MET B 59 48.00 -8.97 6.44
C MET B 59 48.87 -8.79 7.67
N ASP B 60 49.90 -9.64 7.80
CA ASP B 60 50.82 -9.59 8.95
C ASP B 60 51.93 -8.54 8.90
N ALA B 61 51.99 -7.76 7.81
CA ALA B 61 52.89 -6.63 7.74
C ALA B 61 52.40 -5.42 8.56
N PHE B 62 51.19 -5.50 9.13
CA PHE B 62 50.56 -4.36 9.78
C PHE B 62 50.25 -4.63 11.24
N PRO B 63 51.18 -4.25 12.14
CA PRO B 63 50.96 -4.52 13.58
C PRO B 63 49.70 -3.90 14.19
N SER B 64 49.23 -2.77 13.67
CA SER B 64 48.05 -2.05 14.21
C SER B 64 46.74 -2.38 13.46
N LEU B 65 46.79 -3.37 12.59
CA LEU B 65 45.60 -3.75 11.79
C LEU B 65 44.46 -4.19 12.71
N GLU B 66 43.27 -3.62 12.51
CA GLU B 66 42.08 -3.94 13.30
C GLU B 66 40.97 -4.63 12.53
N ILE B 67 40.92 -4.38 11.20
CA ILE B 67 39.75 -4.74 10.42
C ILE B 67 40.15 -4.97 8.96
N VAL B 68 39.62 -6.06 8.40
CA VAL B 68 39.69 -6.34 6.98
C VAL B 68 38.24 -6.31 6.48
N ALA B 69 37.96 -5.35 5.60
CA ALA B 69 36.63 -5.22 4.98
C ALA B 69 36.74 -5.84 3.60
N ASN B 70 36.22 -7.06 3.50
CA ASN B 70 36.20 -7.84 2.26
C ASN B 70 35.07 -7.35 1.35
N PHE B 71 35.44 -7.14 0.08
CA PHE B 71 34.50 -6.80 -0.98
C PHE B 71 33.97 -8.08 -1.59
N GLY B 72 32.71 -8.37 -1.31
CA GLY B 72 32.12 -9.67 -1.67
C GLY B 72 31.54 -10.36 -0.45
N VAL B 73 30.51 -11.16 -0.67
CA VAL B 73 29.95 -12.01 0.40
C VAL B 73 30.88 -13.20 0.70
N GLY B 74 31.52 -13.76 -0.32
CA GLY B 74 32.59 -14.74 -0.14
C GLY B 74 33.87 -14.05 0.31
N TYR B 75 34.51 -14.62 1.31
CA TYR B 75 35.71 -14.04 1.92
C TYR B 75 36.82 -15.10 2.11
N ASP B 76 36.80 -16.12 1.26
CA ASP B 76 37.80 -17.20 1.30
C ASP B 76 39.21 -16.76 0.95
N GLY B 77 39.37 -15.57 0.33
CA GLY B 77 40.68 -15.01 0.06
C GLY B 77 41.36 -14.40 1.27
N VAL B 78 40.61 -14.28 2.37
CA VAL B 78 41.12 -13.81 3.64
C VAL B 78 41.28 -15.02 4.53
N ASP B 79 42.45 -15.13 5.18
CA ASP B 79 42.67 -16.23 6.14
C ASP B 79 42.01 -15.81 7.46
N VAL B 80 40.73 -16.14 7.56
CA VAL B 80 39.90 -15.72 8.70
C VAL B 80 40.36 -16.34 10.01
N SER B 81 40.91 -17.55 9.96
CA SER B 81 41.51 -18.17 11.14
C SER B 81 42.66 -17.34 11.70
N ARG B 82 43.54 -16.89 10.80
CA ARG B 82 44.67 -16.04 11.16
C ARG B 82 44.19 -14.66 11.66
N ALA B 83 43.20 -14.07 10.98
CA ALA B 83 42.60 -12.81 11.41
C ALA B 83 42.02 -12.97 12.81
N ALA B 84 41.26 -14.03 13.01
CA ALA B 84 40.67 -14.26 14.36
C ALA B 84 41.72 -14.42 15.42
N ALA B 85 42.78 -15.19 15.15
CA ALA B 85 43.90 -15.35 16.07
C ALA B 85 44.52 -14.03 16.52
N ARG B 86 44.57 -13.05 15.61
CA ARG B 86 45.10 -11.72 15.87
C ARG B 86 44.06 -10.71 16.41
N GLY B 87 42.83 -11.15 16.66
CA GLY B 87 41.75 -10.24 17.09
C GLY B 87 41.29 -9.24 16.06
N ILE B 88 41.51 -9.58 14.77
CA ILE B 88 41.15 -8.72 13.63
C ILE B 88 39.76 -9.12 13.12
N VAL B 89 38.85 -8.13 13.10
CA VAL B 89 37.50 -8.38 12.60
C VAL B 89 37.56 -8.44 11.09
N VAL B 90 36.76 -9.33 10.51
CA VAL B 90 36.62 -9.42 9.08
C VAL B 90 35.18 -9.18 8.75
N THR B 91 34.95 -8.31 7.77
CA THR B 91 33.59 -8.05 7.29
C THR B 91 33.43 -8.45 5.83
N ASN B 92 32.20 -8.77 5.45
CA ASN B 92 31.88 -9.10 4.07
C ASN B 92 30.71 -8.25 3.57
N THR B 93 30.16 -8.59 2.40
CA THR B 93 29.07 -7.81 1.84
C THR B 93 27.91 -8.72 1.47
N PRO B 94 27.25 -9.27 2.49
CA PRO B 94 26.06 -10.06 2.23
C PRO B 94 24.89 -9.19 1.87
N ASP B 95 23.84 -9.83 1.35
CA ASP B 95 22.48 -9.24 1.20
C ASP B 95 22.30 -8.25 0.05
N VAL B 96 23.21 -7.30 -0.08
CA VAL B 96 23.17 -6.29 -1.13
C VAL B 96 23.32 -6.83 -2.55
N LEU B 97 23.83 -8.08 -2.66
CA LEU B 97 24.08 -8.70 -3.95
C LEU B 97 23.20 -9.95 -4.13
N THR B 98 22.34 -10.27 -3.17
CA THR B 98 21.66 -11.56 -3.15
C THR B 98 20.78 -11.76 -4.40
N GLU B 99 19.96 -10.78 -4.66
CA GLU B 99 18.99 -10.90 -5.80
C GLU B 99 19.72 -10.84 -7.14
N GLU B 100 20.76 -10.00 -7.22
CA GLU B 100 21.57 -9.90 -8.43
C GLU B 100 22.21 -11.25 -8.80
N VAL B 101 22.84 -11.88 -7.81
CA VAL B 101 23.52 -13.16 -8.00
C VAL B 101 22.52 -14.24 -8.36
N ALA B 102 21.39 -14.25 -7.68
CA ALA B 102 20.31 -15.22 -8.00
C ALA B 102 19.84 -15.05 -9.45
N ASP B 103 19.72 -13.80 -9.88
CA ASP B 103 19.35 -13.49 -11.30
C ASP B 103 20.34 -14.11 -12.27
N THR B 104 21.62 -13.86 -12.02
CA THR B 104 22.66 -14.42 -12.86
C THR B 104 22.66 -15.91 -12.90
N ALA B 105 22.44 -16.56 -11.76
CA ALA B 105 22.36 -17.99 -11.65
C ALA B 105 21.28 -18.56 -12.58
N ILE B 106 20.12 -17.95 -12.59
CA ILE B 106 19.05 -18.36 -13.46
C ILE B 106 19.42 -18.15 -14.92
N GLY B 107 19.98 -17.00 -15.23
CA GLY B 107 20.45 -16.75 -16.61
C GLY B 107 21.48 -17.75 -17.08
N LEU B 108 22.45 -18.07 -16.24
CA LEU B 108 23.46 -19.09 -16.55
C LEU B 108 22.83 -20.48 -16.75
N LEU B 109 21.88 -20.84 -15.88
CA LEU B 109 21.18 -22.08 -16.04
C LEU B 109 20.46 -22.15 -17.42
N LEU B 110 19.71 -21.12 -17.74
CA LEU B 110 18.99 -21.09 -19.03
C LEU B 110 19.93 -21.09 -20.25
N ASN B 111 21.05 -20.39 -20.12
CA ASN B 111 22.05 -20.33 -21.20
C ASN B 111 22.70 -21.71 -21.39
N THR B 112 22.93 -22.43 -20.30
CA THR B 112 23.49 -23.78 -20.32
C THR B 112 22.53 -24.77 -20.97
N LEU B 113 21.26 -24.68 -20.59
CA LEU B 113 20.26 -25.61 -21.07
C LEU B 113 19.83 -25.36 -22.51
N ARG B 114 19.60 -24.10 -22.87
CA ARG B 114 19.01 -23.73 -24.13
C ARG B 114 20.02 -23.22 -25.16
N LEU B 115 21.30 -23.09 -24.75
CA LEU B 115 22.38 -22.69 -25.65
C LEU B 115 22.17 -21.30 -26.27
N LEU B 116 21.57 -20.40 -25.50
CA LEU B 116 21.22 -19.09 -26.03
C LEU B 116 22.44 -18.32 -26.54
N PRO B 117 23.58 -18.34 -25.78
CA PRO B 117 24.74 -17.63 -26.34
C PRO B 117 25.20 -18.23 -27.70
N GLN B 118 25.21 -19.55 -27.80
CA GLN B 118 25.56 -20.21 -29.07
C GLN B 118 24.56 -19.88 -30.19
N ALA B 119 23.27 -19.77 -29.84
CA ALA B 119 22.24 -19.43 -30.84
C ALA B 119 22.46 -18.02 -31.37
N GLU B 120 22.83 -17.11 -30.47
CA GLU B 120 23.16 -15.74 -30.85
C GLU B 120 24.40 -15.68 -31.74
N GLN B 121 25.43 -16.47 -31.41
CA GLN B 121 26.61 -16.57 -32.27
C GLN B 121 26.27 -17.09 -33.67
N TRP B 122 25.41 -18.09 -33.74
CA TRP B 122 24.91 -18.64 -35.02
C TRP B 122 24.30 -17.53 -35.89
N LEU B 123 23.45 -16.72 -35.28
CA LEU B 123 22.85 -15.61 -35.97
C LEU B 123 23.88 -14.55 -36.39
N ARG B 124 24.72 -14.14 -35.44
CA ARG B 124 25.68 -13.05 -35.67
C ARG B 124 26.76 -13.47 -36.69
N GLN B 125 27.04 -14.76 -36.80
CA GLN B 125 27.98 -15.23 -37.81
C GLN B 125 27.36 -15.48 -39.18
N GLY B 126 26.08 -15.15 -39.36
CA GLY B 126 25.42 -15.26 -40.66
C GLY B 126 24.92 -16.67 -41.03
N ARG B 127 24.91 -17.59 -40.07
CA ARG B 127 24.57 -18.99 -40.32
C ARG B 127 23.05 -19.24 -40.48
N TRP B 128 22.23 -18.35 -39.91
CA TRP B 128 20.79 -18.47 -40.08
C TRP B 128 20.35 -18.45 -41.52
N VAL B 129 20.95 -17.54 -42.29
CA VAL B 129 20.67 -17.34 -43.67
C VAL B 129 21.10 -18.56 -44.51
N ARG B 130 22.35 -18.99 -44.34
CA ARG B 130 22.94 -19.98 -45.27
C ARG B 130 22.72 -21.41 -44.81
N GLU B 131 22.76 -21.65 -43.51
CA GLU B 131 22.63 -23.01 -42.94
C GLU B 131 21.28 -23.31 -42.25
N GLY B 132 20.43 -22.29 -42.09
CA GLY B 132 19.10 -22.47 -41.59
C GLY B 132 19.00 -22.31 -40.09
N ALA B 133 17.97 -22.91 -39.49
CA ALA B 133 17.73 -22.79 -38.06
C ALA B 133 18.93 -23.26 -37.24
N PHE B 134 19.17 -22.56 -36.12
CA PHE B 134 20.08 -23.06 -35.10
C PHE B 134 19.61 -24.47 -34.70
N PRO B 135 20.52 -25.43 -34.51
CA PRO B 135 20.04 -26.75 -34.04
C PRO B 135 19.23 -26.68 -32.77
N LEU B 136 18.22 -27.57 -32.70
CA LEU B 136 17.39 -27.64 -31.46
C LEU B 136 18.28 -28.00 -30.28
N SER B 137 18.05 -27.36 -29.13
CA SER B 137 18.81 -27.72 -27.91
C SER B 137 18.43 -29.08 -27.41
N PRO B 138 19.43 -29.96 -27.19
CA PRO B 138 19.12 -31.27 -26.64
C PRO B 138 18.46 -31.19 -25.28
N LEU B 139 18.79 -30.14 -24.50
CA LEU B 139 18.30 -29.97 -23.14
C LEU B 139 17.24 -28.89 -23.04
N SER B 140 16.58 -28.87 -21.90
CA SER B 140 15.55 -27.92 -21.56
C SER B 140 15.38 -27.89 -20.06
N LEU B 141 14.82 -26.82 -19.52
CA LEU B 141 14.47 -26.77 -18.10
C LEU B 141 13.22 -27.60 -17.83
N ARG B 142 12.37 -27.77 -18.84
CA ARG B 142 11.11 -28.47 -18.67
C ARG B 142 11.32 -29.88 -18.10
N GLY B 143 10.61 -30.19 -17.00
CA GLY B 143 10.65 -31.52 -16.41
C GLY B 143 11.86 -31.82 -15.52
N ARG B 144 12.75 -30.83 -15.34
CA ARG B 144 13.94 -31.02 -14.51
C ARG B 144 13.64 -31.01 -13.01
N THR B 145 14.59 -31.58 -12.27
CA THR B 145 14.60 -31.60 -10.82
C THR B 145 15.91 -30.96 -10.38
N VAL B 146 15.80 -29.85 -9.65
CA VAL B 146 16.98 -29.06 -9.31
C VAL B 146 17.34 -29.27 -7.85
N GLY B 147 18.62 -29.60 -7.61
CA GLY B 147 19.16 -29.69 -6.25
C GLY B 147 20.08 -28.52 -6.01
N LEU B 148 19.84 -27.78 -4.92
CA LEU B 148 20.68 -26.67 -4.53
C LEU B 148 21.66 -27.15 -3.46
N PHE B 149 22.95 -27.07 -3.79
CA PHE B 149 24.01 -27.29 -2.81
C PHE B 149 24.27 -25.93 -2.19
N GLY B 150 23.81 -25.73 -0.96
CA GLY B 150 23.71 -24.40 -0.37
C GLY B 150 22.30 -23.90 -0.50
N LEU B 151 21.75 -23.41 0.61
CA LEU B 151 20.42 -22.83 0.60
C LEU B 151 20.40 -21.69 1.61
N GLY B 152 21.38 -20.79 1.44
CA GLY B 152 21.59 -19.66 2.33
C GLY B 152 20.91 -18.45 1.75
N ARG B 153 21.50 -17.28 1.92
CA ARG B 153 20.89 -16.06 1.37
C ARG B 153 20.62 -16.19 -0.14
N ILE B 154 21.65 -16.58 -0.86
CA ILE B 154 21.58 -16.67 -2.34
C ILE B 154 20.86 -17.95 -2.79
N GLY B 155 21.19 -19.08 -2.17
CA GLY B 155 20.50 -20.34 -2.48
C GLY B 155 18.99 -20.26 -2.36
N LEU B 156 18.51 -19.64 -1.28
CA LEU B 156 17.08 -19.46 -1.10
C LEU B 156 16.49 -18.56 -2.21
N ALA B 157 17.19 -17.48 -2.55
CA ALA B 157 16.74 -16.58 -3.62
C ALA B 157 16.64 -17.28 -4.98
N ILE B 158 17.58 -18.20 -5.25
CA ILE B 158 17.55 -19.03 -6.46
C ILE B 158 16.35 -19.97 -6.43
N ALA B 159 16.16 -20.66 -5.29
CA ALA B 159 15.02 -21.53 -5.10
C ALA B 159 13.69 -20.80 -5.32
N ARG B 160 13.56 -19.57 -4.82
CA ARG B 160 12.32 -18.80 -5.01
C ARG B 160 12.04 -18.53 -6.48
N ARG B 161 13.09 -18.23 -7.24
CA ARG B 161 12.95 -18.03 -8.70
C ARG B 161 12.51 -19.33 -9.35
N LEU B 162 13.19 -20.42 -9.01
CA LEU B 162 12.93 -21.72 -9.61
C LEU B 162 11.52 -22.22 -9.32
N GLU B 163 10.98 -21.90 -8.13
CA GLU B 163 9.56 -22.21 -7.83
C GLU B 163 8.61 -21.79 -8.94
N ALA B 164 8.87 -20.62 -9.52
CA ALA B 164 8.01 -20.06 -10.57
C ALA B 164 8.20 -20.68 -11.96
N PHE B 165 9.25 -21.47 -12.12
CA PHE B 165 9.51 -22.17 -13.39
C PHE B 165 8.95 -23.59 -13.45
N GLY B 166 8.22 -24.03 -12.41
CA GLY B 166 7.56 -25.31 -12.43
C GLY B 166 8.47 -26.54 -12.40
N VAL B 167 9.60 -26.43 -11.70
CA VAL B 167 10.51 -27.57 -11.49
C VAL B 167 10.50 -28.00 -10.02
N SER B 168 10.82 -29.26 -9.79
CA SER B 168 11.00 -29.78 -8.43
C SER B 168 12.28 -29.22 -7.83
N ILE B 169 12.24 -28.90 -6.54
CA ILE B 169 13.37 -28.29 -5.85
C ILE B 169 13.78 -29.08 -4.63
N ALA B 170 15.06 -29.43 -4.54
CA ALA B 170 15.64 -30.10 -3.38
C ALA B 170 16.86 -29.33 -2.94
N TYR B 171 17.37 -29.61 -1.75
CA TYR B 171 18.58 -28.92 -1.30
C TYR B 171 19.42 -29.76 -0.32
N HIS B 172 20.69 -29.41 -0.26
CA HIS B 172 21.63 -30.00 0.69
C HIS B 172 22.43 -28.91 1.37
N THR B 173 22.41 -29.00 2.71
CA THR B 173 23.16 -28.11 3.61
C THR B 173 23.51 -28.99 4.80
N ARG B 174 24.36 -28.51 5.71
CA ARG B 174 24.72 -29.31 6.89
C ARG B 174 23.58 -29.38 7.88
N THR B 175 22.76 -28.32 7.95
CA THR B 175 21.59 -28.30 8.83
C THR B 175 20.37 -27.96 7.98
N PRO B 176 19.25 -28.71 8.15
CA PRO B 176 18.06 -28.36 7.37
C PRO B 176 17.47 -27.01 7.79
N ARG B 177 16.79 -26.33 6.87
CA ARG B 177 16.07 -25.10 7.15
C ARG B 177 14.58 -25.47 7.23
N GLU B 178 14.08 -25.61 8.45
CA GLU B 178 12.66 -25.91 8.68
C GLU B 178 11.79 -24.71 8.29
N GLY B 179 10.56 -25.00 7.87
CA GLY B 179 9.62 -23.98 7.42
C GLY B 179 9.44 -23.92 5.91
N LEU B 180 10.47 -24.37 5.17
CA LEU B 180 10.42 -24.38 3.72
C LEU B 180 9.85 -25.73 3.28
N GLY B 181 9.15 -25.73 2.16
CA GLY B 181 8.61 -26.95 1.58
C GLY B 181 9.50 -27.61 0.55
N PHE B 182 10.83 -27.49 0.69
CA PHE B 182 11.77 -28.15 -0.21
C PHE B 182 12.31 -29.41 0.42
N THR B 183 12.61 -30.40 -0.41
CA THR B 183 13.17 -31.67 0.05
C THR B 183 14.63 -31.51 0.46
N TYR B 184 14.90 -31.79 1.73
CA TYR B 184 16.25 -31.83 2.29
C TYR B 184 16.90 -33.17 2.04
N HIS B 185 18.16 -33.14 1.65
CA HIS B 185 19.02 -34.31 1.53
C HIS B 185 20.18 -34.14 2.49
N PRO B 186 20.40 -35.12 3.38
CA PRO B 186 21.53 -34.99 4.30
C PRO B 186 22.91 -35.20 3.71
N THR B 187 23.00 -35.76 2.50
CA THR B 187 24.27 -35.88 1.80
C THR B 187 24.21 -35.26 0.39
N LEU B 188 25.35 -34.72 -0.05
CA LEU B 188 25.44 -34.19 -1.41
C LEU B 188 25.23 -35.28 -2.46
N VAL B 189 25.91 -36.41 -2.30
CA VAL B 189 25.82 -37.49 -3.28
C VAL B 189 24.40 -38.07 -3.41
N GLY B 190 23.69 -38.16 -2.27
CA GLY B 190 22.28 -38.56 -2.26
C GLY B 190 21.37 -37.60 -3.01
N MET B 191 21.59 -36.30 -2.85
CA MET B 191 20.86 -35.30 -3.62
C MET B 191 21.17 -35.45 -5.09
N ALA B 192 22.46 -35.57 -5.41
CA ALA B 192 22.90 -35.71 -6.80
C ALA B 192 22.21 -36.87 -7.48
N GLU B 193 22.14 -38.01 -6.80
CA GLU B 193 21.42 -39.20 -7.30
C GLU B 193 19.99 -38.83 -7.75
N ALA B 194 19.31 -38.14 -6.81
CA ALA B 194 17.88 -37.80 -6.89
C ALA B 194 17.50 -36.72 -7.90
N VAL B 195 18.45 -35.88 -8.28
CA VAL B 195 18.18 -34.72 -9.16
C VAL B 195 18.89 -34.90 -10.48
N ASP B 196 18.55 -34.05 -11.46
CA ASP B 196 19.28 -33.98 -12.71
C ASP B 196 19.94 -32.63 -12.95
N THR B 197 19.82 -31.72 -11.98
CA THR B 197 20.35 -30.35 -12.13
C THR B 197 20.88 -29.94 -10.77
N LEU B 198 22.16 -29.63 -10.68
CA LEU B 198 22.84 -29.31 -9.43
C LEU B 198 23.37 -27.89 -9.51
N ILE B 199 22.87 -27.03 -8.61
CA ILE B 199 23.31 -25.62 -8.56
C ILE B 199 24.15 -25.47 -7.30
N VAL B 200 25.40 -25.07 -7.50
CA VAL B 200 26.38 -24.91 -6.42
C VAL B 200 26.45 -23.47 -5.96
N ILE B 201 26.13 -23.24 -4.70
CA ILE B 201 26.04 -21.92 -4.10
C ILE B 201 26.38 -22.01 -2.58
N VAL B 202 27.48 -22.69 -2.30
CA VAL B 202 28.16 -22.71 -1.00
C VAL B 202 29.41 -21.87 -1.01
N PRO B 203 29.91 -21.46 0.18
CA PRO B 203 31.19 -20.76 0.23
C PRO B 203 32.32 -21.74 -0.12
N GLY B 204 33.48 -21.20 -0.47
CA GLY B 204 34.68 -21.95 -0.75
C GLY B 204 35.49 -22.15 0.52
N THR B 205 35.11 -23.16 1.31
CA THR B 205 35.79 -23.47 2.54
C THR B 205 36.45 -24.85 2.47
N ALA B 206 37.21 -25.20 3.51
CA ALA B 206 37.79 -26.53 3.63
C ALA B 206 36.70 -27.62 3.50
N SER B 207 35.52 -27.37 4.06
CA SER B 207 34.46 -28.37 4.07
C SER B 207 33.80 -28.57 2.69
N THR B 208 33.95 -27.59 1.79
CA THR B 208 33.40 -27.73 0.46
C THR B 208 34.43 -27.99 -0.64
N LEU B 209 35.72 -28.04 -0.29
CA LEU B 209 36.78 -28.21 -1.29
C LEU B 209 36.60 -29.48 -2.10
N LYS B 210 36.46 -29.35 -3.41
CA LYS B 210 36.22 -30.47 -4.32
C LYS B 210 35.06 -31.39 -3.89
N ALA B 211 34.04 -30.79 -3.29
CA ALA B 211 32.87 -31.56 -2.85
C ALA B 211 32.14 -32.13 -4.07
N VAL B 212 32.09 -31.35 -5.15
CA VAL B 212 31.55 -31.82 -6.42
C VAL B 212 32.67 -32.56 -7.15
N ASN B 213 32.72 -33.87 -6.88
CA ASN B 213 33.79 -34.73 -7.34
C ASN B 213 33.21 -35.75 -8.35
N ALA B 214 34.05 -36.68 -8.79
CA ALA B 214 33.66 -37.71 -9.76
C ALA B 214 32.41 -38.51 -9.33
N ASP B 215 32.33 -38.88 -8.05
CA ASP B 215 31.15 -39.60 -7.51
C ASP B 215 29.86 -38.80 -7.61
N VAL B 216 29.93 -37.51 -7.26
CA VAL B 216 28.75 -36.63 -7.29
C VAL B 216 28.31 -36.43 -8.74
N LEU B 217 29.28 -36.22 -9.64
CA LEU B 217 28.98 -36.05 -11.05
C LEU B 217 28.37 -37.32 -11.65
N SER B 218 28.92 -38.48 -11.29
CA SER B 218 28.35 -39.75 -11.70
C SER B 218 26.90 -39.94 -11.19
N ALA B 219 26.64 -39.61 -9.93
CA ALA B 219 25.27 -39.66 -9.38
C ALA B 219 24.29 -38.68 -10.05
N LEU B 220 24.82 -37.51 -10.42
CA LEU B 220 24.03 -36.50 -11.10
C LEU B 220 23.39 -37.11 -12.34
N GLY B 221 24.22 -37.80 -13.13
CA GLY B 221 23.78 -38.71 -14.18
C GLY B 221 23.86 -38.15 -15.57
N PRO B 222 23.46 -38.96 -16.57
CA PRO B 222 23.62 -38.62 -18.00
C PRO B 222 22.74 -37.49 -18.55
N LYS B 223 21.71 -37.07 -17.82
CA LYS B 223 20.96 -35.86 -18.14
C LYS B 223 21.41 -34.71 -17.25
N GLY B 224 22.50 -34.92 -16.50
CA GLY B 224 22.88 -34.02 -15.44
C GLY B 224 23.45 -32.73 -15.95
N VAL B 225 23.05 -31.63 -15.33
CA VAL B 225 23.61 -30.32 -15.58
C VAL B 225 24.13 -29.71 -14.29
N LEU B 226 25.39 -29.26 -14.33
CA LEU B 226 26.04 -28.65 -13.17
C LEU B 226 26.11 -27.16 -13.43
N ILE B 227 25.67 -26.37 -12.48
CA ILE B 227 25.78 -24.93 -12.52
C ILE B 227 26.60 -24.48 -11.29
N ASN B 228 27.72 -23.81 -11.49
CA ASN B 228 28.50 -23.31 -10.35
C ASN B 228 28.57 -21.79 -10.34
N VAL B 229 27.93 -21.22 -9.31
CA VAL B 229 27.93 -19.78 -9.04
C VAL B 229 28.51 -19.47 -7.66
N GLY B 230 29.13 -20.47 -7.02
CA GLY B 230 29.74 -20.30 -5.69
C GLY B 230 31.20 -19.97 -5.76
N ARG B 231 32.02 -21.01 -5.59
CA ARG B 231 33.44 -20.91 -5.76
C ARG B 231 33.92 -22.07 -6.59
N GLY B 232 34.89 -21.76 -7.45
CA GLY B 232 35.58 -22.76 -8.25
C GLY B 232 36.17 -23.92 -7.49
N SER B 233 36.72 -23.64 -6.31
CA SER B 233 37.35 -24.66 -5.47
C SER B 233 36.43 -25.83 -5.09
N THR B 234 35.13 -25.56 -5.05
CA THR B 234 34.10 -26.53 -4.66
C THR B 234 33.92 -27.64 -5.71
N VAL B 235 34.26 -27.34 -6.96
CA VAL B 235 34.22 -28.32 -8.05
C VAL B 235 35.62 -28.86 -8.35
N ASP B 236 35.73 -30.16 -8.48
CA ASP B 236 36.92 -30.82 -8.99
C ASP B 236 36.95 -30.62 -10.51
N GLU B 237 37.70 -29.61 -10.93
CA GLU B 237 37.65 -29.15 -12.32
C GLU B 237 38.12 -30.25 -13.31
N ALA B 238 39.20 -30.94 -12.97
CA ALA B 238 39.68 -32.08 -13.73
C ALA B 238 38.62 -33.18 -13.87
N ALA B 239 37.92 -33.49 -12.77
CA ALA B 239 36.86 -34.52 -12.79
C ALA B 239 35.65 -34.09 -13.65
N LEU B 240 35.37 -32.79 -13.65
CA LEU B 240 34.31 -32.23 -14.48
C LEU B 240 34.65 -32.35 -15.95
N VAL B 241 35.90 -32.07 -16.32
CA VAL B 241 36.32 -32.16 -17.71
C VAL B 241 36.18 -33.59 -18.18
N THR B 242 36.59 -34.53 -17.33
CA THR B 242 36.46 -35.96 -17.63
C THR B 242 34.98 -36.38 -17.82
N ALA B 243 34.11 -35.93 -16.92
CA ALA B 243 32.69 -36.23 -16.97
C ALA B 243 32.04 -35.70 -18.23
N LEU B 244 32.36 -34.47 -18.59
CA LEU B 244 31.88 -33.85 -19.83
C LEU B 244 32.38 -34.59 -21.04
N GLN B 245 33.68 -34.90 -21.06
CA GLN B 245 34.29 -35.64 -22.17
C GLN B 245 33.64 -37.02 -22.39
N ASN B 246 33.37 -37.75 -21.31
CA ASN B 246 32.78 -39.10 -21.37
C ASN B 246 31.26 -39.14 -21.52
N GLY B 247 30.58 -37.98 -21.39
CA GLY B 247 29.13 -37.96 -21.38
C GLY B 247 28.53 -38.47 -20.08
N THR B 248 29.33 -38.49 -19.01
CA THR B 248 28.85 -38.82 -17.68
C THR B 248 27.73 -37.86 -17.26
N ILE B 249 27.90 -36.58 -17.60
CA ILE B 249 26.86 -35.56 -17.44
C ILE B 249 26.60 -34.90 -18.81
N ALA B 250 25.49 -34.16 -18.89
CA ALA B 250 24.98 -33.59 -20.13
C ALA B 250 25.47 -32.18 -20.45
N GLY B 251 25.84 -31.42 -19.43
CA GLY B 251 26.30 -30.02 -19.64
C GLY B 251 26.66 -29.31 -18.34
N ALA B 252 27.24 -28.12 -18.48
CA ALA B 252 27.68 -27.35 -17.33
C ALA B 252 27.66 -25.87 -17.65
N GLY B 253 27.38 -25.06 -16.62
CA GLY B 253 27.45 -23.59 -16.68
C GLY B 253 28.27 -23.16 -15.46
N LEU B 254 29.34 -22.42 -15.70
CA LEU B 254 30.31 -22.06 -14.64
C LEU B 254 30.60 -20.56 -14.70
N ASP B 255 30.43 -19.89 -13.56
CA ASP B 255 30.81 -18.47 -13.37
C ASP B 255 32.15 -18.33 -12.62
N VAL B 256 32.60 -19.42 -12.00
CA VAL B 256 33.75 -19.43 -11.10
C VAL B 256 34.64 -20.66 -11.40
N PHE B 257 35.93 -20.54 -11.11
CA PHE B 257 36.94 -21.48 -11.50
C PHE B 257 38.03 -21.62 -10.43
N GLU B 258 38.75 -22.74 -10.48
CA GLU B 258 39.80 -23.07 -9.50
C GLU B 258 40.91 -22.00 -9.44
N ASN B 259 41.32 -21.52 -10.61
CA ASN B 259 42.46 -20.62 -10.73
C ASN B 259 42.13 -19.47 -11.71
N GLU B 260 41.16 -18.65 -11.32
CA GLU B 260 40.76 -17.48 -12.08
C GLU B 260 41.91 -16.51 -12.29
N PRO B 261 42.03 -15.89 -13.47
CA PRO B 261 41.11 -16.00 -14.63
C PRO B 261 41.41 -17.13 -15.60
N ASN B 262 42.18 -18.13 -15.19
CA ASN B 262 42.54 -19.22 -16.06
C ASN B 262 41.42 -20.27 -16.09
N VAL B 263 41.04 -20.64 -17.30
CA VAL B 263 40.06 -21.67 -17.55
C VAL B 263 40.75 -22.74 -18.38
N PRO B 264 40.67 -24.02 -17.96
CA PRO B 264 41.31 -25.08 -18.75
C PRO B 264 40.79 -25.13 -20.19
N GLU B 265 41.74 -25.30 -21.10
CA GLU B 265 41.45 -25.27 -22.55
C GLU B 265 40.36 -26.29 -22.93
N ALA B 266 40.36 -27.44 -22.28
CA ALA B 266 39.38 -28.50 -22.53
C ALA B 266 37.97 -28.01 -22.28
N LEU B 267 37.77 -27.23 -21.22
CA LEU B 267 36.42 -26.71 -20.92
C LEU B 267 35.90 -25.80 -22.02
N LEU B 268 36.80 -25.06 -22.66
CA LEU B 268 36.43 -24.15 -23.76
C LEU B 268 35.99 -24.89 -25.01
N SER B 269 36.35 -26.17 -25.13
CA SER B 269 36.05 -26.99 -26.31
C SER B 269 34.60 -27.48 -26.45
N PHE B 270 33.93 -27.64 -25.33
CA PHE B 270 32.67 -28.37 -25.27
C PHE B 270 31.52 -27.48 -25.80
N PRO B 271 30.69 -28.00 -26.71
CA PRO B 271 29.51 -27.25 -27.18
C PRO B 271 28.32 -27.24 -26.23
N ASN B 272 28.42 -27.93 -25.09
CA ASN B 272 27.33 -28.04 -24.11
C ASN B 272 27.71 -27.34 -22.79
N VAL B 273 28.62 -26.36 -22.87
CA VAL B 273 29.11 -25.65 -21.69
C VAL B 273 29.02 -24.15 -21.88
N SER B 274 28.51 -23.47 -20.86
CA SER B 274 28.49 -22.03 -20.80
C SER B 274 29.47 -21.57 -19.74
N LEU B 275 30.26 -20.56 -20.09
CA LEU B 275 31.32 -20.03 -19.21
C LEU B 275 31.20 -18.54 -19.05
N LEU B 276 31.31 -18.06 -17.82
CA LEU B 276 31.26 -16.63 -17.51
C LEU B 276 32.42 -16.23 -16.62
N PRO B 277 32.97 -15.01 -16.82
CA PRO B 277 34.17 -14.61 -16.05
C PRO B 277 33.81 -13.99 -14.66
N HIS B 278 33.20 -14.81 -13.81
CA HIS B 278 32.85 -14.39 -12.46
C HIS B 278 32.02 -13.10 -12.42
N VAL B 279 30.89 -13.12 -13.11
CA VAL B 279 30.05 -11.95 -13.29
C VAL B 279 28.78 -11.92 -12.46
N ALA B 280 28.52 -12.92 -11.61
CA ALA B 280 27.19 -13.01 -11.01
C ALA B 280 26.71 -11.75 -10.28
N SER B 281 27.64 -11.00 -9.64
CA SER B 281 27.25 -9.70 -9.00
C SER B 281 27.61 -8.44 -9.79
N ALA B 282 28.09 -8.60 -11.02
CA ALA B 282 28.84 -7.56 -11.74
C ALA B 282 28.00 -6.58 -12.56
N SER B 283 26.97 -5.98 -11.92
CA SER B 283 26.29 -4.83 -12.45
C SER B 283 26.78 -3.60 -11.72
N VAL B 284 26.62 -2.46 -12.37
CA VAL B 284 27.00 -1.19 -11.75
C VAL B 284 26.30 -0.98 -10.40
N VAL B 285 24.98 -1.13 -10.41
CA VAL B 285 24.20 -0.91 -9.19
C VAL B 285 24.60 -1.81 -8.02
N THR B 286 24.81 -3.10 -8.31
CA THR B 286 25.14 -4.05 -7.24
C THR B 286 26.56 -3.85 -6.75
N ARG B 287 27.49 -3.59 -7.65
CA ARG B 287 28.87 -3.31 -7.23
C ARG B 287 28.99 -2.01 -6.45
N ASN B 288 28.16 -1.03 -6.79
CA ASN B 288 28.07 0.21 -6.01
C ASN B 288 27.56 -0.07 -4.59
N ALA B 289 26.53 -0.89 -4.48
CA ALA B 289 26.01 -1.28 -3.17
C ALA B 289 27.04 -2.06 -2.32
N MET B 290 27.77 -2.98 -2.98
CA MET B 290 28.88 -3.67 -2.33
C MET B 290 29.97 -2.73 -1.84
N SER B 291 30.36 -1.80 -2.72
CA SER B 291 31.33 -0.78 -2.35
C SER B 291 30.88 0.01 -1.12
N ASP B 292 29.62 0.44 -1.14
CA ASP B 292 29.04 1.17 -0.01
C ASP B 292 29.11 0.37 1.30
N LEU B 293 28.84 -0.91 1.23
CA LEU B 293 28.85 -1.76 2.39
C LEU B 293 30.24 -1.99 2.97
N VAL B 294 31.25 -2.11 2.09
CA VAL B 294 32.66 -2.15 2.54
C VAL B 294 32.97 -0.90 3.37
N VAL B 295 32.71 0.26 2.78
CA VAL B 295 33.04 1.53 3.41
C VAL B 295 32.23 1.73 4.70
N ASP B 296 30.92 1.47 4.62
CA ASP B 296 30.05 1.63 5.80
C ASP B 296 30.43 0.70 6.96
N ASN B 297 30.94 -0.50 6.63
CA ASN B 297 31.51 -1.38 7.66
C ASN B 297 32.70 -0.72 8.36
N LEU B 298 33.60 -0.13 7.57
CA LEU B 298 34.79 0.51 8.17
C LEU B 298 34.38 1.70 9.02
N LYS B 299 33.46 2.51 8.51
CA LYS B 299 32.95 3.68 9.22
C LYS B 299 32.28 3.31 10.53
N ALA B 300 31.42 2.28 10.48
CA ALA B 300 30.77 1.78 11.71
C ALA B 300 31.80 1.29 12.72
N TRP B 301 32.77 0.51 12.27
CA TRP B 301 33.79 -0.03 13.16
C TRP B 301 34.52 1.10 13.91
N PHE B 302 35.03 2.06 13.15
CA PHE B 302 35.83 3.12 13.78
C PHE B 302 35.02 4.15 14.55
N SER B 303 33.74 4.30 14.22
CA SER B 303 32.91 5.29 14.90
C SER B 303 32.14 4.72 16.08
N THR B 304 31.66 3.48 15.96
CA THR B 304 30.81 2.86 16.97
C THR B 304 31.40 1.63 17.65
N GLY B 305 32.44 1.03 17.06
CA GLY B 305 33.04 -0.19 17.56
C GLY B 305 32.34 -1.46 17.16
N GLU B 306 31.28 -1.35 16.36
CA GLU B 306 30.49 -2.49 15.93
C GLU B 306 30.42 -2.41 14.40
N ALA B 307 30.89 -3.45 13.73
CA ALA B 307 30.76 -3.56 12.28
C ALA B 307 29.29 -3.80 11.93
N LEU B 308 28.97 -3.61 10.67
CA LEU B 308 27.64 -3.88 10.15
C LEU B 308 27.44 -5.36 9.83
N THR B 309 28.39 -5.92 9.10
CA THR B 309 28.35 -7.31 8.62
C THR B 309 29.67 -8.05 8.86
N PRO B 310 30.03 -8.22 10.13
CA PRO B 310 31.15 -9.05 10.41
C PRO B 310 30.82 -10.50 10.02
N VAL B 311 31.86 -11.25 9.72
CA VAL B 311 31.68 -12.65 9.39
C VAL B 311 31.48 -13.49 10.62
N ALA B 312 30.95 -14.70 10.43
CA ALA B 312 30.66 -15.56 11.59
C ALA B 312 31.88 -15.82 12.51
N GLU B 313 33.05 -15.98 11.92
CA GLU B 313 34.30 -16.30 12.63
C GLU B 313 34.85 -15.15 13.49
N THR B 314 34.41 -13.92 13.23
CA THR B 314 34.90 -12.75 13.95
C THR B 314 33.77 -11.88 14.47
N PRO B 315 33.01 -12.36 15.49
CA PRO B 315 31.96 -11.55 16.13
C PRO B 315 32.58 -10.56 17.12
N PHE B 316 33.39 -9.62 16.61
CA PHE B 316 34.24 -8.82 17.46
C PHE B 316 33.66 -7.42 17.67
N ARG B 317 34.06 -6.81 18.79
CA ARG B 317 33.80 -5.40 19.06
C ARG B 317 35.14 -4.71 19.23
N ARG B 318 35.20 -3.46 18.77
CA ARG B 318 36.45 -2.71 18.80
C ARG B 318 36.88 -2.40 20.23
N ARG B 319 38.16 -2.63 20.51
CA ARG B 319 38.78 -2.14 21.71
C ARG B 319 39.80 -1.09 21.30
N ALA B 320 39.60 0.12 21.83
CA ALA B 320 40.49 1.28 21.61
C ALA B 320 40.90 1.74 22.98
N ILE B 321 42.02 2.47 23.02
CA ILE B 321 42.58 3.03 24.25
C ILE B 321 42.11 4.47 24.48
N ARG C 4 -52.94 -10.23 36.81
CA ARG C 4 -51.92 -9.56 35.94
C ARG C 4 -50.56 -9.75 36.60
N PRO C 5 -49.51 -10.01 35.80
CA PRO C 5 -48.22 -10.21 36.45
C PRO C 5 -47.73 -8.96 37.17
N ARG C 6 -47.03 -9.14 38.29
CA ARG C 6 -46.51 -8.04 39.10
C ARG C 6 -45.03 -7.81 38.82
N ILE C 7 -44.69 -6.58 38.46
CA ILE C 7 -43.35 -6.21 38.05
C ILE C 7 -42.76 -5.28 39.11
N LEU C 8 -41.59 -5.65 39.61
CA LEU C 8 -40.86 -4.81 40.55
C LEU C 8 -39.98 -3.85 39.77
N VAL C 9 -40.01 -2.56 40.16
CA VAL C 9 -39.07 -1.58 39.63
C VAL C 9 -38.31 -1.02 40.85
N PRO C 10 -37.04 -1.40 41.00
CA PRO C 10 -36.26 -0.89 42.11
C PRO C 10 -35.49 0.37 41.74
N GLY C 11 -35.66 1.41 42.54
CA GLY C 11 -34.89 2.64 42.37
C GLY C 11 -35.38 3.46 41.20
N LYS C 12 -34.47 4.26 40.66
CA LYS C 12 -34.79 5.18 39.59
C LYS C 12 -34.87 4.48 38.23
N ILE C 13 -35.86 4.90 37.44
CA ILE C 13 -35.98 4.45 36.05
C ILE C 13 -36.70 5.52 35.27
N ASN C 14 -36.49 5.53 33.97
CA ASN C 14 -37.21 6.44 33.11
C ASN C 14 -38.71 6.30 33.34
N PRO C 15 -39.40 7.44 33.59
CA PRO C 15 -40.86 7.34 33.80
C PRO C 15 -41.67 6.65 32.72
N ARG C 16 -41.19 6.66 31.48
CA ARG C 16 -41.86 5.95 30.40
C ARG C 16 -42.05 4.45 30.67
N VAL C 17 -41.09 3.83 31.35
CA VAL C 17 -41.24 2.40 31.78
C VAL C 17 -42.48 2.32 32.70
N LEU C 18 -42.51 3.21 33.70
CA LEU C 18 -43.61 3.21 34.67
C LEU C 18 -44.94 3.50 34.02
N GLU C 19 -44.94 4.42 33.05
CA GLU C 19 -46.14 4.77 32.28
C GLU C 19 -46.72 3.61 31.52
N ARG C 20 -45.85 2.76 30.94
CA ARG C 20 -46.33 1.72 30.05
C ARG C 20 -46.58 0.36 30.70
N LEU C 21 -45.96 0.09 31.85
CA LEU C 21 -46.22 -1.16 32.58
C LEU C 21 -47.71 -1.50 32.81
N PRO C 22 -48.57 -0.49 33.11
CA PRO C 22 -50.01 -0.74 33.25
C PRO C 22 -50.76 -1.25 32.04
N GLU C 23 -50.12 -1.25 30.86
CA GLU C 23 -50.73 -1.89 29.70
C GLU C 23 -51.04 -3.38 29.95
N MET C 24 -50.22 -4.03 30.77
CA MET C 24 -50.37 -5.46 31.07
C MET C 24 -50.11 -5.89 32.52
N PHE C 25 -49.51 -5.01 33.33
CA PHE C 25 -48.90 -5.40 34.60
C PHE C 25 -49.34 -4.54 35.79
N GLU C 26 -49.16 -5.11 36.98
CA GLU C 26 -49.14 -4.35 38.23
CA GLU C 26 -49.15 -4.36 38.24
C GLU C 26 -47.69 -4.00 38.56
N THR C 27 -47.47 -2.79 39.03
CA THR C 27 -46.13 -2.30 39.34
C THR C 27 -45.91 -2.21 40.84
N VAL C 28 -44.80 -2.79 41.29
CA VAL C 28 -44.33 -2.70 42.67
C VAL C 28 -43.06 -1.87 42.66
N ARG C 29 -43.02 -0.78 43.41
CA ARG C 29 -41.84 0.09 43.47
C ARG C 29 -41.15 0.02 44.83
N ILE C 30 -39.82 -0.09 44.81
CA ILE C 30 -39.01 0.15 46.01
C ILE C 30 -37.99 1.23 45.70
N GLU C 31 -37.62 1.98 46.75
CA GLU C 31 -36.87 3.23 46.58
C GLU C 31 -35.42 2.99 46.17
N ARG C 32 -34.88 1.82 46.46
CA ARG C 32 -33.52 1.45 46.07
C ARG C 32 -33.47 -0.03 45.78
N ALA C 33 -32.46 -0.44 45.01
CA ALA C 33 -32.24 -1.86 44.72
C ALA C 33 -31.58 -2.49 45.94
N ASP C 34 -32.40 -2.83 46.92
CA ASP C 34 -31.98 -3.30 48.25
C ASP C 34 -33.02 -4.31 48.76
N ALA C 35 -32.55 -5.55 49.00
CA ALA C 35 -33.38 -6.63 49.53
C ALA C 35 -34.05 -6.33 50.86
N ALA C 36 -33.44 -5.45 51.66
CA ALA C 36 -34.04 -5.03 52.93
C ALA C 36 -35.40 -4.34 52.79
N LEU C 37 -35.72 -3.83 51.60
CA LEU C 37 -36.98 -3.14 51.32
C LEU C 37 -38.07 -4.07 50.81
N VAL C 38 -37.74 -5.34 50.57
CA VAL C 38 -38.72 -6.31 50.11
C VAL C 38 -39.62 -6.79 51.27
N THR C 39 -40.93 -6.61 51.11
CA THR C 39 -41.88 -7.04 52.12
C THR C 39 -42.52 -8.35 51.71
N ALA C 40 -43.20 -8.98 52.67
CA ALA C 40 -43.87 -10.25 52.45
C ALA C 40 -44.86 -10.22 51.30
N ASP C 41 -45.63 -9.13 51.16
CA ASP C 41 -46.63 -9.05 50.09
C ASP C 41 -46.04 -8.82 48.68
N MET C 42 -44.72 -8.65 48.59
CA MET C 42 -44.03 -8.58 47.30
C MET C 42 -43.51 -9.91 46.77
N ARG C 43 -43.69 -10.99 47.53
CA ARG C 43 -43.10 -12.30 47.16
C ARG C 43 -43.72 -12.99 45.92
N ASP C 44 -44.84 -12.48 45.41
CA ASP C 44 -45.47 -12.97 44.16
C ASP C 44 -45.05 -12.22 42.89
N VAL C 45 -44.05 -11.35 43.00
CA VAL C 45 -43.50 -10.64 41.85
C VAL C 45 -42.96 -11.65 40.82
N SER C 46 -43.27 -11.45 39.54
CA SER C 46 -42.81 -12.33 38.46
C SER C 46 -41.80 -11.72 37.52
N GLY C 47 -41.59 -10.41 37.59
CA GLY C 47 -40.64 -9.76 36.74
C GLY C 47 -40.03 -8.52 37.37
N ILE C 48 -38.86 -8.13 36.88
CA ILE C 48 -38.18 -6.93 37.31
C ILE C 48 -37.87 -6.10 36.07
N ALA C 49 -38.07 -4.79 36.17
CA ALA C 49 -37.49 -3.83 35.23
C ALA C 49 -36.53 -2.97 36.01
N VAL C 50 -35.28 -2.90 35.54
CA VAL C 50 -34.19 -2.25 36.32
C VAL C 50 -33.15 -1.55 35.45
N SER C 51 -32.72 -0.38 35.93
CA SER C 51 -31.53 0.26 35.40
C SER C 51 -30.41 0.17 36.44
N GLY C 52 -29.26 -0.31 35.99
CA GLY C 52 -28.02 -0.34 36.77
C GLY C 52 -27.86 -1.66 37.49
N LYS C 53 -27.54 -1.59 38.79
CA LYS C 53 -27.24 -2.79 39.57
C LYS C 53 -28.50 -3.50 40.07
N LEU C 54 -28.47 -4.82 39.98
CA LEU C 54 -29.48 -5.69 40.56
C LEU C 54 -28.76 -6.67 41.46
N PRO C 55 -28.62 -6.32 42.74
CA PRO C 55 -27.87 -7.19 43.65
C PRO C 55 -28.50 -8.58 43.75
N VAL C 56 -27.67 -9.61 43.85
CA VAL C 56 -28.19 -10.98 43.91
C VAL C 56 -29.17 -11.19 45.08
N PRO C 57 -28.89 -10.64 46.27
CA PRO C 57 -29.86 -10.84 47.36
C PRO C 57 -31.26 -10.28 47.04
N LEU C 58 -31.31 -9.22 46.25
CA LEU C 58 -32.59 -8.66 45.83
C LEU C 58 -33.25 -9.57 44.80
N MET C 59 -32.49 -9.98 43.78
CA MET C 59 -33.00 -10.88 42.76
C MET C 59 -33.54 -12.15 43.38
N ASP C 60 -32.81 -12.67 44.38
CA ASP C 60 -33.18 -13.91 45.06
C ASP C 60 -34.26 -13.80 46.15
N ALA C 61 -34.75 -12.59 46.40
CA ALA C 61 -35.90 -12.39 47.27
C ALA C 61 -37.23 -12.77 46.63
N PHE C 62 -37.21 -13.12 45.34
CA PHE C 62 -38.43 -13.36 44.58
C PHE C 62 -38.49 -14.78 44.02
N PRO C 63 -39.13 -15.70 44.77
CA PRO C 63 -39.19 -17.10 44.30
C PRO C 63 -39.86 -17.33 42.94
N SER C 64 -40.82 -16.47 42.56
CA SER C 64 -41.56 -16.62 41.28
C SER C 64 -41.01 -15.75 40.15
N LEU C 65 -39.84 -15.17 40.35
CA LEU C 65 -39.23 -14.30 39.34
C LEU C 65 -38.95 -15.10 38.06
N GLU C 66 -39.38 -14.57 36.92
CA GLU C 66 -39.18 -15.20 35.61
C GLU C 66 -38.27 -14.44 34.66
N ILE C 67 -38.20 -13.11 34.85
CA ILE C 67 -37.60 -12.24 33.85
C ILE C 67 -37.06 -10.97 34.53
N VAL C 68 -35.84 -10.60 34.11
CA VAL C 68 -35.24 -9.33 34.44
C VAL C 68 -35.07 -8.59 33.12
N ALA C 69 -35.76 -7.47 33.00
CA ALA C 69 -35.68 -6.62 31.81
C ALA C 69 -34.77 -5.46 32.18
N ASN C 70 -33.53 -5.57 31.71
CA ASN C 70 -32.48 -4.59 31.92
C ASN C 70 -32.67 -3.40 30.98
N PHE C 71 -32.61 -2.20 31.55
CA PHE C 71 -32.65 -0.94 30.82
C PHE C 71 -31.23 -0.58 30.41
N GLY C 72 -30.95 -0.71 29.13
CA GLY C 72 -29.59 -0.57 28.61
C GLY C 72 -29.15 -1.80 27.85
N VAL C 73 -28.27 -1.60 26.89
CA VAL C 73 -27.66 -2.73 26.17
C VAL C 73 -26.61 -3.46 27.02
N GLY C 74 -25.88 -2.74 27.85
CA GLY C 74 -25.00 -3.30 28.86
C GLY C 74 -25.86 -3.79 30.03
N TYR C 75 -25.56 -5.00 30.47
CA TYR C 75 -26.33 -5.63 31.55
C TYR C 75 -25.41 -6.25 32.62
N ASP C 76 -24.22 -5.69 32.77
CA ASP C 76 -23.23 -6.19 33.73
C ASP C 76 -23.65 -5.97 35.20
N GLY C 77 -24.63 -5.11 35.45
CA GLY C 77 -25.20 -4.94 36.78
C GLY C 77 -26.11 -6.08 37.24
N VAL C 78 -26.48 -6.94 36.29
CA VAL C 78 -27.27 -8.14 36.55
C VAL C 78 -26.29 -9.32 36.56
N ASP C 79 -26.38 -10.16 37.57
CA ASP C 79 -25.57 -11.38 37.64
C ASP C 79 -26.25 -12.43 36.75
N VAL C 80 -25.90 -12.39 35.48
CA VAL C 80 -26.53 -13.23 34.45
C VAL C 80 -26.25 -14.72 34.68
N SER C 81 -25.09 -15.05 35.25
CA SER C 81 -24.81 -16.44 35.64
C SER C 81 -25.81 -16.97 36.66
N ARG C 82 -26.08 -16.15 37.68
CA ARG C 82 -27.07 -16.49 38.70
C ARG C 82 -28.49 -16.55 38.14
N ALA C 83 -28.84 -15.59 37.25
CA ALA C 83 -30.14 -15.59 36.58
C ALA C 83 -30.28 -16.88 35.78
N ALA C 84 -29.25 -17.21 35.00
CA ALA C 84 -29.30 -18.43 34.20
C ALA C 84 -29.46 -19.68 35.05
N ALA C 85 -28.71 -19.77 36.15
CA ALA C 85 -28.83 -20.89 37.09
C ALA C 85 -30.25 -21.10 37.61
N ARG C 86 -30.99 -20.00 37.79
CA ARG C 86 -32.38 -20.02 38.25
C ARG C 86 -33.43 -20.13 37.11
N GLY C 87 -32.99 -20.25 35.87
CA GLY C 87 -33.92 -20.28 34.73
C GLY C 87 -34.62 -18.97 34.45
N ILE C 88 -34.03 -17.85 34.89
CA ILE C 88 -34.57 -16.51 34.72
C ILE C 88 -34.00 -15.89 33.46
N VAL C 89 -34.88 -15.45 32.56
CA VAL C 89 -34.44 -14.80 31.33
C VAL C 89 -34.03 -13.39 31.67
N VAL C 90 -32.99 -12.91 31.00
CA VAL C 90 -32.56 -11.53 31.13
C VAL C 90 -32.63 -10.92 29.74
N THR C 91 -33.24 -9.74 29.68
CA THR C 91 -33.31 -8.99 28.43
C THR C 91 -32.58 -7.66 28.54
N ASN C 92 -32.11 -7.16 27.40
CA ASN C 92 -31.43 -5.86 27.35
C ASN C 92 -32.07 -4.98 26.28
N THR C 93 -31.46 -3.85 25.96
CA THR C 93 -32.01 -2.92 24.97
C THR C 93 -30.99 -2.60 23.91
N PRO C 94 -30.65 -3.61 23.08
CA PRO C 94 -29.74 -3.35 21.97
C PRO C 94 -30.42 -2.59 20.87
N ASP C 95 -29.61 -2.06 19.95
CA ASP C 95 -30.08 -1.52 18.64
C ASP C 95 -30.77 -0.17 18.67
N VAL C 96 -31.72 0.01 19.57
CA VAL C 96 -32.48 1.27 19.69
C VAL C 96 -31.62 2.49 20.12
N LEU C 97 -30.44 2.22 20.66
CA LEU C 97 -29.52 3.25 21.14
C LEU C 97 -28.23 3.30 20.35
N THR C 98 -28.10 2.47 19.30
CA THR C 98 -26.80 2.28 18.66
C THR C 98 -26.25 3.56 18.05
N GLU C 99 -27.08 4.21 17.26
CA GLU C 99 -26.71 5.41 16.53
C GLU C 99 -26.49 6.58 17.51
N GLU C 100 -27.32 6.67 18.55
CA GLU C 100 -27.17 7.70 19.57
C GLU C 100 -25.82 7.62 20.28
N VAL C 101 -25.46 6.42 20.70
CA VAL C 101 -24.21 6.18 21.41
C VAL C 101 -23.02 6.46 20.51
N ALA C 102 -23.11 6.01 19.26
CA ALA C 102 -22.07 6.29 18.26
C ALA C 102 -21.88 7.80 18.07
N ASP C 103 -23.00 8.53 18.03
CA ASP C 103 -22.96 10.01 17.93
C ASP C 103 -22.18 10.61 19.09
N THR C 104 -22.53 10.19 20.30
CA THR C 104 -21.85 10.68 21.49
C THR C 104 -20.37 10.38 21.50
N ALA C 105 -20.00 9.18 21.05
CA ALA C 105 -18.62 8.78 20.97
C ALA C 105 -17.81 9.74 20.08
N ILE C 106 -18.37 10.09 18.94
CA ILE C 106 -17.72 11.04 18.04
C ILE C 106 -17.61 12.41 18.69
N GLY C 107 -18.69 12.86 19.30
CA GLY C 107 -18.68 14.16 19.99
C GLY C 107 -17.63 14.21 21.10
N LEU C 108 -17.55 13.17 21.90
CA LEU C 108 -16.53 13.05 22.96
C LEU C 108 -15.11 13.03 22.39
N LEU C 109 -14.90 12.30 21.31
CA LEU C 109 -13.61 12.30 20.63
C LEU C 109 -13.22 13.72 20.19
N LEU C 110 -14.12 14.40 19.50
CA LEU C 110 -13.84 15.77 19.02
C LEU C 110 -13.61 16.76 20.18
N ASN C 111 -14.36 16.59 21.27
CA ASN C 111 -14.23 17.44 22.45
C ASN C 111 -12.87 17.21 23.11
N THR C 112 -12.41 15.96 23.14
CA THR C 112 -11.12 15.58 23.70
C THR C 112 -9.96 16.15 22.87
N LEU C 113 -10.08 16.04 21.56
CA LEU C 113 -9.02 16.47 20.66
C LEU C 113 -8.93 17.99 20.52
N ARG C 114 -10.07 18.65 20.36
CA ARG C 114 -10.12 20.07 20.02
C ARG C 114 -10.45 20.97 21.21
N LEU C 115 -10.71 20.38 22.37
CA LEU C 115 -10.96 21.12 23.62
C LEU C 115 -12.16 22.07 23.52
N LEU C 116 -13.19 21.64 22.79
CA LEU C 116 -14.34 22.49 22.55
C LEU C 116 -15.03 22.91 23.84
N PRO C 117 -15.22 21.98 24.80
CA PRO C 117 -15.84 22.46 26.06
C PRO C 117 -15.00 23.55 26.77
N GLN C 118 -13.68 23.38 26.78
CA GLN C 118 -12.78 24.38 27.34
C GLN C 118 -12.83 25.70 26.59
N ALA C 119 -12.95 25.62 25.26
CA ALA C 119 -13.03 26.84 24.42
C ALA C 119 -14.31 27.61 24.76
N GLU C 120 -15.40 26.87 24.95
CA GLU C 120 -16.66 27.49 25.34
C GLU C 120 -16.58 28.11 26.74
N GLN C 121 -15.93 27.44 27.68
CA GLN C 121 -15.69 28.02 29.01
C GLN C 121 -14.87 29.31 28.93
N TRP C 122 -13.84 29.31 28.09
CA TRP C 122 -13.02 30.52 27.86
C TRP C 122 -13.87 31.70 27.44
N LEU C 123 -14.77 31.45 26.48
CA LEU C 123 -15.67 32.45 26.01
C LEU C 123 -16.65 32.91 27.10
N ARG C 124 -17.30 31.94 27.76
CA ARG C 124 -18.34 32.22 28.76
C ARG C 124 -17.77 32.91 30.00
N GLN C 125 -16.49 32.68 30.28
CA GLN C 125 -15.86 33.37 31.41
C GLN C 125 -15.30 34.74 31.06
N GLY C 126 -15.54 35.22 29.84
CA GLY C 126 -15.12 36.57 29.44
C GLY C 126 -13.66 36.69 28.99
N ARG C 127 -12.97 35.57 28.79
CA ARG C 127 -11.52 35.57 28.51
C ARG C 127 -11.18 35.95 27.07
N TRP C 128 -12.13 35.75 26.15
CA TRP C 128 -11.92 36.16 24.76
C TRP C 128 -11.62 37.62 24.60
N VAL C 129 -12.38 38.44 25.32
CA VAL C 129 -12.26 39.87 25.32
C VAL C 129 -10.92 40.32 25.93
N ARG C 130 -10.60 39.83 27.10
CA ARG C 130 -9.47 40.38 27.90
C ARG C 130 -8.15 39.70 27.59
N GLU C 131 -8.19 38.37 27.35
CA GLU C 131 -6.98 37.58 27.12
C GLU C 131 -6.75 37.11 25.67
N GLY C 132 -7.75 37.33 24.80
CA GLY C 132 -7.62 37.05 23.40
C GLY C 132 -8.09 35.65 23.02
N ALA C 133 -7.57 35.15 21.90
CA ALA C 133 -7.97 33.84 21.39
C ALA C 133 -7.76 32.72 22.43
N PHE C 134 -8.67 31.77 22.43
CA PHE C 134 -8.46 30.51 23.14
C PHE C 134 -7.17 29.90 22.57
N PRO C 135 -6.30 29.33 23.44
CA PRO C 135 -5.09 28.72 22.92
C PRO C 135 -5.37 27.64 21.86
N LEU C 136 -4.47 27.53 20.90
CA LEU C 136 -4.58 26.49 19.87
C LEU C 136 -4.56 25.10 20.52
N SER C 137 -5.43 24.20 20.07
CA SER C 137 -5.40 22.82 20.57
C SER C 137 -4.16 22.09 20.10
N PRO C 138 -3.40 21.48 21.03
CA PRO C 138 -2.22 20.74 20.59
C PRO C 138 -2.57 19.58 19.70
N LEU C 139 -3.78 19.00 19.89
CA LEU C 139 -4.22 17.83 19.14
C LEU C 139 -5.25 18.19 18.06
N SER C 140 -5.47 17.21 17.20
CA SER C 140 -6.44 17.31 16.13
C SER C 140 -6.78 15.88 15.68
N LEU C 141 -7.93 15.72 15.03
CA LEU C 141 -8.28 14.43 14.43
C LEU C 141 -7.48 14.20 13.16
N ARG C 142 -7.04 15.30 12.52
CA ARG C 142 -6.34 15.21 11.25
C ARG C 142 -5.11 14.28 11.34
N GLY C 143 -5.03 13.31 10.45
CA GLY C 143 -3.86 12.42 10.38
C GLY C 143 -3.86 11.27 11.38
N ARG C 144 -4.88 11.16 12.22
CA ARG C 144 -4.92 10.10 13.23
C ARG C 144 -5.29 8.73 12.67
N THR C 145 -4.94 7.73 13.47
CA THR C 145 -5.23 6.32 13.21
CA THR C 145 -5.26 6.33 13.21
C THR C 145 -6.02 5.81 14.40
N VAL C 146 -7.24 5.36 14.16
CA VAL C 146 -8.16 5.02 15.25
C VAL C 146 -8.30 3.50 15.34
N GLY C 147 -8.09 2.97 16.53
CA GLY C 147 -8.33 1.56 16.84
C GLY C 147 -9.58 1.42 17.69
N LEU C 148 -10.51 0.59 17.24
CA LEU C 148 -11.73 0.30 18.00
C LEU C 148 -11.54 -1.00 18.75
N PHE C 149 -11.60 -0.91 20.08
CA PHE C 149 -11.65 -2.09 20.95
C PHE C 149 -13.13 -2.41 21.09
N GLY C 150 -13.57 -3.46 20.41
CA GLY C 150 -14.99 -3.71 20.19
C GLY C 150 -15.41 -3.22 18.83
N LEU C 151 -16.11 -4.06 18.09
CA LEU C 151 -16.62 -3.68 16.78
C LEU C 151 -17.96 -4.39 16.57
N GLY C 152 -18.83 -4.19 17.57
CA GLY C 152 -20.14 -4.82 17.59
C GLY C 152 -21.17 -3.88 16.99
N ARG C 153 -22.38 -3.88 17.55
CA ARG C 153 -23.42 -2.96 17.08
C ARG C 153 -22.92 -1.50 17.09
N ILE C 154 -22.43 -1.10 18.25
CA ILE C 154 -22.01 0.29 18.47
C ILE C 154 -20.64 0.57 17.82
N GLY C 155 -19.67 -0.33 18.05
CA GLY C 155 -18.36 -0.18 17.42
C GLY C 155 -18.40 -0.01 15.92
N LEU C 156 -19.21 -0.81 15.25
CA LEU C 156 -19.36 -0.67 13.81
C LEU C 156 -19.94 0.70 13.44
N ALA C 157 -20.97 1.15 14.17
CA ALA C 157 -21.58 2.44 13.92
C ALA C 157 -20.58 3.60 14.09
N ILE C 158 -19.68 3.48 15.07
CA ILE C 158 -18.60 4.45 15.27
C ILE C 158 -17.63 4.43 14.09
N ALA C 159 -17.20 3.22 13.70
CA ALA C 159 -16.35 3.04 12.54
C ALA C 159 -16.94 3.65 11.27
N ARG C 160 -18.24 3.48 11.03
CA ARG C 160 -18.89 4.07 9.86
C ARG C 160 -18.82 5.59 9.87
N ARG C 161 -18.98 6.19 11.04
CA ARG C 161 -18.84 7.64 11.18
C ARG C 161 -17.42 8.05 10.86
N LEU C 162 -16.45 7.35 11.47
CA LEU C 162 -15.05 7.69 11.33
C LEU C 162 -14.57 7.57 9.88
N GLU C 163 -15.11 6.61 9.14
CA GLU C 163 -14.81 6.49 7.68
C GLU C 163 -14.96 7.83 6.94
N ALA C 164 -15.98 8.59 7.30
CA ALA C 164 -16.25 9.89 6.66
C ALA C 164 -15.35 11.04 7.11
N PHE C 165 -14.58 10.83 8.17
CA PHE C 165 -13.63 11.84 8.67
C PHE C 165 -12.22 11.68 8.12
N GLY C 166 -12.00 10.73 7.21
CA GLY C 166 -10.69 10.57 6.58
C GLY C 166 -9.55 10.09 7.47
N VAL C 167 -9.88 9.26 8.47
CA VAL C 167 -8.86 8.63 9.32
C VAL C 167 -8.77 7.13 9.04
N SER C 168 -7.60 6.56 9.30
CA SER C 168 -7.41 5.12 9.19
CA SER C 168 -7.39 5.12 9.21
C SER C 168 -8.13 4.44 10.36
N ILE C 169 -8.71 3.27 10.10
CA ILE C 169 -9.50 2.55 11.08
C ILE C 169 -9.00 1.11 11.23
N ALA C 170 -8.74 0.72 12.48
CA ALA C 170 -8.40 -0.65 12.83
C ALA C 170 -9.31 -1.10 13.94
N TYR C 171 -9.32 -2.40 14.21
CA TYR C 171 -10.14 -2.90 15.33
C TYR C 171 -9.60 -4.17 15.97
N HIS C 172 -9.99 -4.38 17.21
CA HIS C 172 -9.67 -5.59 17.96
C HIS C 172 -10.94 -6.15 18.61
N THR C 173 -11.16 -7.43 18.35
CA THR C 173 -12.25 -8.22 18.91
C THR C 173 -11.68 -9.63 19.04
N ARG C 174 -12.40 -10.53 19.69
CA ARG C 174 -11.92 -11.92 19.82
C ARG C 174 -12.00 -12.69 18.51
N THR C 175 -13.01 -12.36 17.70
CA THR C 175 -13.17 -12.98 16.39
C THR C 175 -13.25 -11.87 15.34
N PRO C 176 -12.50 -11.98 14.22
CA PRO C 176 -12.63 -10.96 13.19
C PRO C 176 -14.01 -10.95 12.53
N ARG C 177 -14.43 -9.78 12.04
CA ARG C 177 -15.66 -9.64 11.25
C ARG C 177 -15.24 -9.53 9.78
N GLU C 178 -15.35 -10.64 9.07
CA GLU C 178 -15.00 -10.69 7.64
C GLU C 178 -16.04 -9.90 6.83
N GLY C 179 -15.62 -9.34 5.70
CA GLY C 179 -16.46 -8.51 4.86
C GLY C 179 -16.21 -7.02 4.98
N LEU C 180 -15.67 -6.60 6.13
CA LEU C 180 -15.35 -5.20 6.36
C LEU C 180 -13.90 -4.97 5.90
N GLY C 181 -13.63 -3.77 5.43
CA GLY C 181 -12.28 -3.40 5.00
C GLY C 181 -11.43 -2.72 6.06
N PHE C 182 -11.64 -3.07 7.33
CA PHE C 182 -10.84 -2.53 8.43
C PHE C 182 -9.79 -3.53 8.85
N THR C 183 -8.64 -3.01 9.30
CA THR C 183 -7.54 -3.84 9.76
C THR C 183 -7.85 -4.46 11.12
N TYR C 184 -7.88 -5.80 11.15
CA TYR C 184 -8.03 -6.58 12.37
C TYR C 184 -6.68 -6.77 13.06
N HIS C 185 -6.68 -6.61 14.39
CA HIS C 185 -5.55 -6.92 15.24
C HIS C 185 -5.98 -8.01 16.20
N PRO C 186 -5.23 -9.12 16.24
CA PRO C 186 -5.62 -10.19 17.19
C PRO C 186 -5.34 -9.92 18.66
N THR C 187 -4.53 -8.90 18.98
CA THR C 187 -4.32 -8.50 20.36
C THR C 187 -4.60 -7.00 20.55
N LEU C 188 -5.08 -6.65 21.74
CA LEU C 188 -5.31 -5.25 22.09
C LEU C 188 -4.00 -4.46 22.09
N VAL C 189 -2.96 -5.00 22.73
CA VAL C 189 -1.69 -4.29 22.83
C VAL C 189 -1.03 -4.04 21.46
N GLY C 190 -1.16 -5.01 20.56
CA GLY C 190 -0.71 -4.85 19.16
C GLY C 190 -1.45 -3.75 18.41
N MET C 191 -2.76 -3.66 18.60
CA MET C 191 -3.53 -2.56 18.02
C MET C 191 -3.07 -1.25 18.61
N ALA C 192 -2.95 -1.20 19.94
CA ALA C 192 -2.53 0.01 20.63
C ALA C 192 -1.20 0.52 20.07
N GLU C 193 -0.23 -0.37 19.89
CA GLU C 193 1.05 -0.02 19.27
C GLU C 193 0.86 0.74 17.96
N ALA C 194 0.02 0.14 17.11
CA ALA C 194 -0.22 0.56 15.72
C ALA C 194 -1.02 1.85 15.53
N VAL C 195 -1.82 2.22 16.54
CA VAL C 195 -2.74 3.35 16.45
C VAL C 195 -2.31 4.47 17.39
N ASP C 196 -2.91 5.65 17.23
CA ASP C 196 -2.72 6.74 18.19
C ASP C 196 -4.02 7.15 18.88
N THR C 197 -5.11 6.46 18.57
CA THR C 197 -6.44 6.82 19.09
C THR C 197 -7.17 5.51 19.35
N LEU C 198 -7.54 5.28 20.61
CA LEU C 198 -8.15 4.00 21.04
C LEU C 198 -9.54 4.30 21.57
N ILE C 199 -10.56 3.74 20.92
CA ILE C 199 -11.94 3.91 21.34
C ILE C 199 -12.40 2.59 21.94
N VAL C 200 -12.81 2.65 23.20
CA VAL C 200 -13.27 1.48 23.96
C VAL C 200 -14.79 1.36 23.92
N ILE C 201 -15.27 0.25 23.38
CA ILE C 201 -16.68 -0.01 23.17
C ILE C 201 -16.95 -1.54 23.22
N VAL C 202 -16.41 -2.16 24.26
CA VAL C 202 -16.71 -3.56 24.65
C VAL C 202 -17.62 -3.60 25.88
N PRO C 203 -18.28 -4.75 26.14
CA PRO C 203 -19.01 -4.87 27.39
C PRO C 203 -18.07 -4.90 28.59
N GLY C 204 -18.60 -4.63 29.79
CA GLY C 204 -17.84 -4.73 31.02
C GLY C 204 -17.97 -6.11 31.62
N THR C 205 -17.16 -7.04 31.12
CA THR C 205 -17.18 -8.41 31.59
C THR C 205 -15.85 -8.78 32.23
N ALA C 206 -15.79 -9.98 32.78
CA ALA C 206 -14.54 -10.55 33.32
C ALA C 206 -13.42 -10.49 32.27
N SER C 207 -13.76 -10.77 31.01
CA SER C 207 -12.76 -10.83 29.94
C SER C 207 -12.19 -9.45 29.55
N THR C 208 -12.93 -8.38 29.86
CA THR C 208 -12.43 -7.03 29.55
C THR C 208 -11.97 -6.23 30.78
N LEU C 209 -12.06 -6.81 31.97
CA LEU C 209 -11.69 -6.11 33.20
C LEU C 209 -10.25 -5.60 33.18
N LYS C 210 -10.09 -4.29 33.28
CA LYS C 210 -8.78 -3.62 33.22
C LYS C 210 -7.94 -4.03 32.00
N ALA C 211 -8.61 -4.29 30.88
CA ALA C 211 -7.92 -4.67 29.65
C ALA C 211 -7.05 -3.49 29.17
N VAL C 212 -7.56 -2.27 29.32
CA VAL C 212 -6.79 -1.08 29.03
C VAL C 212 -5.95 -0.75 30.27
N ASN C 213 -4.74 -1.29 30.27
CA ASN C 213 -3.84 -1.25 31.41
C ASN C 213 -2.60 -0.42 31.05
N ALA C 214 -1.63 -0.37 31.96
CA ALA C 214 -0.39 0.39 31.75
C ALA C 214 0.35 0.03 30.45
N ASP C 215 0.41 -1.27 30.12
CA ASP C 215 1.05 -1.72 28.87
C ASP C 215 0.36 -1.20 27.61
N VAL C 216 -0.97 -1.24 27.61
CA VAL C 216 -1.78 -0.80 26.47
C VAL C 216 -1.64 0.71 26.32
N LEU C 217 -1.67 1.44 27.43
CA LEU C 217 -1.51 2.89 27.41
C LEU C 217 -0.10 3.27 26.93
N SER C 218 0.92 2.55 27.39
CA SER C 218 2.27 2.77 26.91
C SER C 218 2.40 2.52 25.40
N ALA C 219 1.82 1.43 24.90
CA ALA C 219 1.79 1.14 23.44
C ALA C 219 1.03 2.19 22.62
N LEU C 220 -0.04 2.72 23.21
CA LEU C 220 -0.84 3.75 22.56
C LEU C 220 0.08 4.91 22.16
N GLY C 221 0.88 5.35 23.13
CA GLY C 221 2.02 6.23 22.88
C GLY C 221 1.76 7.70 23.20
N PRO C 222 2.79 8.55 23.03
CA PRO C 222 2.76 9.95 23.46
C PRO C 222 1.83 10.90 22.69
N LYS C 223 1.32 10.48 21.54
CA LYS C 223 0.25 11.22 20.86
C LYS C 223 -1.09 10.55 21.12
N GLY C 224 -1.12 9.58 22.04
CA GLY C 224 -2.24 8.70 22.22
C GLY C 224 -3.42 9.38 22.87
N VAL C 225 -4.61 9.10 22.36
CA VAL C 225 -5.85 9.55 22.94
C VAL C 225 -6.76 8.34 23.20
N LEU C 226 -7.25 8.22 24.45
CA LEU C 226 -8.11 7.15 24.88
C LEU C 226 -9.52 7.71 25.01
N ILE C 227 -10.48 7.05 24.38
CA ILE C 227 -11.89 7.41 24.50
C ILE C 227 -12.62 6.20 25.07
N ASN C 228 -13.29 6.33 26.21
CA ASN C 228 -14.06 5.22 26.77
C ASN C 228 -15.53 5.52 26.82
N VAL C 229 -16.30 4.80 26.00
CA VAL C 229 -17.77 4.88 25.97
C VAL C 229 -18.40 3.51 26.28
N GLY C 230 -17.60 2.55 26.76
CA GLY C 230 -18.06 1.19 27.09
C GLY C 230 -18.48 1.05 28.54
N ARG C 231 -17.56 0.51 29.32
CA ARG C 231 -17.68 0.45 30.76
C ARG C 231 -16.37 0.89 31.39
N GLY C 232 -16.51 1.60 32.50
CA GLY C 232 -15.38 2.01 33.31
C GLY C 232 -14.46 0.91 33.77
N SER C 233 -15.02 -0.27 34.08
CA SER C 233 -14.24 -1.41 34.55
C SER C 233 -13.14 -1.86 33.58
N THR C 234 -13.36 -1.60 32.28
CA THR C 234 -12.45 -2.01 31.21
C THR C 234 -11.13 -1.23 31.24
N VAL C 235 -11.15 -0.03 31.80
CA VAL C 235 -9.94 0.79 31.96
C VAL C 235 -9.43 0.70 33.41
N ASP C 236 -8.13 0.50 33.52
CA ASP C 236 -7.44 0.61 34.80
C ASP C 236 -7.30 2.10 35.12
N GLU C 237 -8.21 2.59 35.94
CA GLU C 237 -8.34 4.03 36.16
C GLU C 237 -7.09 4.64 36.80
N ALA C 238 -6.53 3.98 37.80
CA ALA C 238 -5.27 4.37 38.40
C ALA C 238 -4.14 4.44 37.38
N ALA C 239 -4.03 3.45 36.49
CA ALA C 239 -2.97 3.44 35.45
C ALA C 239 -3.16 4.58 34.43
N LEU C 240 -4.43 4.91 34.15
CA LEU C 240 -4.73 6.02 33.25
C LEU C 240 -4.29 7.35 33.88
N VAL C 241 -4.55 7.53 35.16
CA VAL C 241 -4.17 8.77 35.84
C VAL C 241 -2.65 8.92 35.79
N THR C 242 -1.95 7.82 36.04
CA THR C 242 -0.49 7.80 35.97
C THR C 242 0.03 8.14 34.56
N ALA C 243 -0.57 7.54 33.54
CA ALA C 243 -0.19 7.79 32.15
C ALA C 243 -0.39 9.24 31.74
N LEU C 244 -1.53 9.81 32.14
CA LEU C 244 -1.82 11.21 31.88
C LEU C 244 -0.85 12.12 32.61
N GLN C 245 -0.61 11.83 33.89
CA GLN C 245 0.34 12.60 34.69
C GLN C 245 1.76 12.62 34.11
N ASN C 246 2.23 11.47 33.63
CA ASN C 246 3.59 11.32 33.07
C ASN C 246 3.74 11.74 31.61
N GLY C 247 2.62 12.01 30.93
CA GLY C 247 2.65 12.27 29.49
C GLY C 247 2.89 11.03 28.66
N THR C 248 2.62 9.86 29.25
CA THR C 248 2.67 8.60 28.51
C THR C 248 1.69 8.62 27.34
N ILE C 249 0.51 9.21 27.55
CA ILE C 249 -0.46 9.50 26.50
C ILE C 249 -0.78 11.01 26.48
N ALA C 250 -1.45 11.46 25.43
CA ALA C 250 -1.71 12.87 25.16
C ALA C 250 -3.03 13.40 25.72
N GLY C 251 -4.01 12.52 25.91
CA GLY C 251 -5.34 12.94 26.37
C GLY C 251 -6.34 11.79 26.49
N ALA C 252 -7.50 12.09 27.07
CA ALA C 252 -8.54 11.10 27.26
C ALA C 252 -9.90 11.75 27.30
N GLY C 253 -10.91 11.02 26.82
CA GLY C 253 -12.34 11.39 26.90
C GLY C 253 -13.06 10.18 27.47
N LEU C 254 -13.77 10.39 28.57
CA LEU C 254 -14.40 9.28 29.31
C LEU C 254 -15.86 9.61 29.62
N ASP C 255 -16.76 8.69 29.24
CA ASP C 255 -18.20 8.76 29.58
C ASP C 255 -18.57 7.84 30.74
N VAL C 256 -17.66 6.92 31.09
CA VAL C 256 -17.90 5.83 32.05
C VAL C 256 -16.68 5.67 32.96
N PHE C 257 -16.93 5.18 34.18
CA PHE C 257 -15.95 5.18 35.26
C PHE C 257 -16.10 3.92 36.13
N GLU C 258 -15.05 3.58 36.84
CA GLU C 258 -15.00 2.39 37.74
C GLU C 258 -16.09 2.38 38.80
N ASN C 259 -16.33 3.53 39.43
CA ASN C 259 -17.23 3.64 40.57
C ASN C 259 -18.13 4.88 40.43
N GLU C 260 -18.97 4.87 39.39
CA GLU C 260 -19.90 5.95 39.12
C GLU C 260 -20.87 6.17 40.29
N PRO C 261 -21.21 7.42 40.62
CA PRO C 261 -20.81 8.67 39.94
C PRO C 261 -19.49 9.29 40.40
N ASN C 262 -18.65 8.52 41.08
CA ASN C 262 -17.40 9.06 41.61
C ASN C 262 -16.33 9.03 40.52
N VAL C 263 -15.69 10.18 40.36
CA VAL C 263 -14.58 10.34 39.44
C VAL C 263 -13.39 10.78 40.29
N PRO C 264 -12.24 10.10 40.16
CA PRO C 264 -11.07 10.50 40.93
C PRO C 264 -10.66 11.95 40.68
N GLU C 265 -10.34 12.63 41.78
CA GLU C 265 -9.97 14.04 41.78
C GLU C 265 -8.85 14.35 40.80
N ALA C 266 -7.88 13.44 40.67
CA ALA C 266 -6.75 13.62 39.74
C ALA C 266 -7.21 13.75 38.31
N LEU C 267 -8.21 12.96 37.92
CA LEU C 267 -8.73 13.05 36.54
C LEU C 267 -9.34 14.40 36.23
N LEU C 268 -9.95 15.02 37.24
CA LEU C 268 -10.57 16.34 37.09
C LEU C 268 -9.56 17.46 36.88
N SER C 269 -8.30 17.21 37.26
CA SER C 269 -7.22 18.20 37.20
C SER C 269 -6.64 18.49 35.80
N PHE C 270 -6.71 17.50 34.93
CA PHE C 270 -5.96 17.51 33.68
C PHE C 270 -6.66 18.44 32.65
N PRO C 271 -5.91 19.34 32.01
CA PRO C 271 -6.49 20.19 30.96
C PRO C 271 -6.69 19.50 29.60
N ASN C 272 -6.26 18.23 29.47
CA ASN C 272 -6.32 17.47 28.21
C ASN C 272 -7.31 16.30 28.31
N VAL C 273 -8.28 16.42 29.23
CA VAL C 273 -9.26 15.36 29.50
C VAL C 273 -10.66 15.92 29.44
N SER C 274 -11.55 15.20 28.76
CA SER C 274 -12.96 15.50 28.72
C SER C 274 -13.69 14.40 29.48
N LEU C 275 -14.64 14.82 30.32
CA LEU C 275 -15.39 13.92 31.20
C LEU C 275 -16.88 14.12 31.06
N LEU C 276 -17.61 13.02 30.91
CA LEU C 276 -19.08 13.07 30.80
C LEU C 276 -19.72 12.10 31.78
N PRO C 277 -20.87 12.46 32.37
CA PRO C 277 -21.50 11.59 33.39
C PRO C 277 -22.40 10.48 32.77
N HIS C 278 -21.78 9.60 31.99
CA HIS C 278 -22.46 8.45 31.39
C HIS C 278 -23.70 8.87 30.59
N VAL C 279 -23.47 9.74 29.60
CA VAL C 279 -24.53 10.33 28.80
C VAL C 279 -24.69 9.76 27.40
N ALA C 280 -23.88 8.78 26.99
CA ALA C 280 -23.87 8.40 25.57
C ALA C 280 -25.24 8.09 24.96
N SER C 281 -26.15 7.49 25.72
CA SER C 281 -27.55 7.26 25.22
C SER C 281 -28.62 8.25 25.70
N ALA C 282 -28.20 9.30 26.40
CA ALA C 282 -29.09 10.11 27.25
C ALA C 282 -29.80 11.28 26.55
N SER C 283 -30.48 11.01 25.44
CA SER C 283 -31.44 11.90 24.86
C SER C 283 -32.81 11.40 25.20
N VAL C 284 -33.78 12.31 25.15
CA VAL C 284 -35.18 11.96 25.42
C VAL C 284 -35.64 10.87 24.44
N VAL C 285 -35.41 11.07 23.15
CA VAL C 285 -35.90 10.11 22.14
C VAL C 285 -35.31 8.71 22.33
N THR C 286 -34.00 8.63 22.60
CA THR C 286 -33.34 7.34 22.73
C THR C 286 -33.73 6.64 24.03
N ARG C 287 -33.82 7.39 25.12
CA ARG C 287 -34.25 6.82 26.39
C ARG C 287 -35.71 6.37 26.34
N ASN C 288 -36.54 7.08 25.59
CA ASN C 288 -37.93 6.66 25.34
C ASN C 288 -37.94 5.32 24.58
N ALA C 289 -37.10 5.19 23.55
CA ALA C 289 -37.01 3.93 22.79
C ALA C 289 -36.50 2.76 23.67
N MET C 290 -35.52 3.04 24.53
CA MET C 290 -35.05 2.07 25.49
C MET C 290 -36.14 1.63 26.47
N SER C 291 -36.85 2.62 27.00
CA SER C 291 -37.99 2.35 27.89
C SER C 291 -39.02 1.45 27.19
N ASP C 292 -39.35 1.79 25.94
CA ASP C 292 -40.31 0.99 25.16
C ASP C 292 -39.84 -0.46 24.99
N LEU C 293 -38.55 -0.66 24.77
CA LEU C 293 -38.02 -2.00 24.56
C LEU C 293 -38.02 -2.83 25.85
N VAL C 294 -37.74 -2.21 26.98
CA VAL C 294 -37.91 -2.88 28.30
C VAL C 294 -39.33 -3.40 28.45
N VAL C 295 -40.30 -2.51 28.28
CA VAL C 295 -41.69 -2.87 28.49
C VAL C 295 -42.14 -3.92 27.44
N ASP C 296 -41.80 -3.69 26.17
CA ASP C 296 -42.19 -4.62 25.12
C ASP C 296 -41.57 -6.01 25.28
N ASN C 297 -40.35 -6.08 25.86
CA ASN C 297 -39.78 -7.37 26.25
C ASN C 297 -40.66 -8.09 27.27
N LEU C 298 -41.10 -7.36 28.29
CA LEU C 298 -41.95 -7.98 29.33
C LEU C 298 -43.28 -8.44 28.73
N LYS C 299 -43.88 -7.58 27.90
CA LYS C 299 -45.17 -7.89 27.27
C LYS C 299 -45.06 -9.14 26.36
N ALA C 300 -43.99 -9.19 25.55
CA ALA C 300 -43.74 -10.36 24.70
C ALA C 300 -43.56 -11.62 25.53
N TRP C 301 -42.77 -11.54 26.59
CA TRP C 301 -42.52 -12.70 27.44
C TRP C 301 -43.80 -13.27 28.00
N PHE C 302 -44.61 -12.41 28.61
CA PHE C 302 -45.83 -12.88 29.28
C PHE C 302 -46.95 -13.27 28.30
N SER C 303 -46.96 -12.69 27.11
CA SER C 303 -48.02 -12.97 26.14
C SER C 303 -47.68 -14.11 25.19
N THR C 304 -46.42 -14.20 24.77
CA THR C 304 -45.98 -15.18 23.77
C THR C 304 -44.97 -16.22 24.26
N GLY C 305 -44.33 -15.97 25.41
CA GLY C 305 -43.29 -16.82 25.95
C GLY C 305 -41.93 -16.65 25.35
N GLU C 306 -41.78 -15.67 24.45
CA GLU C 306 -40.52 -15.41 23.77
C GLU C 306 -40.25 -13.92 23.95
N ALA C 307 -39.09 -13.61 24.54
CA ALA C 307 -38.67 -12.22 24.67
C ALA C 307 -38.28 -11.67 23.30
N LEU C 308 -38.16 -10.36 23.21
CA LEU C 308 -37.70 -9.71 22.00
C LEU C 308 -36.18 -9.71 21.88
N THR C 309 -35.52 -9.30 22.96
CA THR C 309 -34.05 -9.16 23.04
C THR C 309 -33.47 -9.79 24.29
N PRO C 310 -33.63 -11.13 24.41
CA PRO C 310 -32.94 -11.78 25.48
C PRO C 310 -31.42 -11.72 25.25
N VAL C 311 -30.67 -11.76 26.32
CA VAL C 311 -29.22 -11.74 26.24
C VAL C 311 -28.68 -13.11 25.83
N ALA C 312 -27.44 -13.14 25.36
CA ALA C 312 -26.86 -14.40 24.87
C ALA C 312 -26.88 -15.55 25.91
N GLU C 313 -26.64 -15.22 27.16
CA GLU C 313 -26.57 -16.19 28.27
C GLU C 313 -27.91 -16.81 28.66
N THR C 314 -29.03 -16.19 28.26
CA THR C 314 -30.36 -16.68 28.61
C THR C 314 -31.27 -16.79 27.38
N PRO C 315 -30.99 -17.73 26.46
CA PRO C 315 -31.89 -17.97 25.31
C PRO C 315 -33.10 -18.81 25.73
N PHE C 316 -33.94 -18.24 26.61
CA PHE C 316 -34.96 -19.02 27.27
C PHE C 316 -36.33 -18.79 26.66
N ARG C 317 -37.21 -19.77 26.86
CA ARG C 317 -38.63 -19.65 26.55
C ARG C 317 -39.41 -19.87 27.81
N ARG C 318 -40.54 -19.16 27.92
CA ARG C 318 -41.35 -19.21 29.15
C ARG C 318 -41.98 -20.59 29.31
N ARG C 319 -41.88 -21.12 30.52
CA ARG C 319 -42.66 -22.24 30.94
C ARG C 319 -43.63 -21.75 32.01
N ALA C 320 -44.92 -21.93 31.72
CA ALA C 320 -46.04 -21.66 32.61
C ALA C 320 -46.83 -22.94 32.79
N ILE C 321 -47.71 -22.96 33.77
CA ILE C 321 -48.59 -24.11 34.06
C ILE C 321 -49.95 -23.96 33.36
N ARG D 4 15.46 42.55 -0.66
CA ARG D 4 14.41 41.57 -0.32
C ARG D 4 13.10 42.30 -0.16
N PRO D 5 11.98 41.72 -0.65
CA PRO D 5 10.73 42.47 -0.49
C PRO D 5 10.35 42.64 0.99
N ARG D 6 9.72 43.77 1.32
CA ARG D 6 9.31 44.10 2.67
C ARG D 6 7.82 43.82 2.84
N ILE D 7 7.51 43.00 3.85
CA ILE D 7 6.16 42.55 4.11
C ILE D 7 5.67 43.16 5.42
N LEU D 8 4.52 43.82 5.36
CA LEU D 8 3.90 44.37 6.56
C LEU D 8 3.02 43.31 7.18
N VAL D 9 3.13 43.12 8.49
CA VAL D 9 2.23 42.27 9.27
C VAL D 9 1.58 43.13 10.33
N PRO D 10 0.30 43.48 10.14
CA PRO D 10 -0.37 44.31 11.12
C PRO D 10 -1.09 43.49 12.17
N GLY D 11 -0.83 43.80 13.44
CA GLY D 11 -1.50 43.13 14.53
C GLY D 11 -1.03 41.71 14.75
N LYS D 12 -1.90 40.89 15.33
CA LYS D 12 -1.53 39.53 15.69
C LYS D 12 -1.55 38.58 14.50
N ILE D 13 -0.59 37.67 14.47
CA ILE D 13 -0.59 36.57 13.49
C ILE D 13 0.13 35.39 14.11
N ASN D 14 -0.19 34.19 13.64
CA ASN D 14 0.49 33.01 14.09
C ASN D 14 2.01 33.19 13.98
N PRO D 15 2.75 32.93 15.07
CA PRO D 15 4.20 33.08 15.01
C PRO D 15 4.93 32.33 13.90
N ARG D 16 4.36 31.22 13.42
CA ARG D 16 4.96 30.49 12.31
C ARG D 16 5.11 31.37 11.03
N VAL D 17 4.17 32.26 10.79
CA VAL D 17 4.31 33.24 9.67
C VAL D 17 5.55 34.08 9.92
N LEU D 18 5.69 34.62 11.12
CA LEU D 18 6.83 35.48 11.45
C LEU D 18 8.14 34.72 11.37
N GLU D 19 8.13 33.46 11.79
CA GLU D 19 9.29 32.59 11.71
C GLU D 19 9.77 32.36 10.29
N ARG D 20 8.83 32.20 9.34
CA ARG D 20 9.19 31.79 7.99
C ARG D 20 9.37 32.94 7.00
N LEU D 21 8.79 34.11 7.27
CA LEU D 21 9.00 35.28 6.38
C LEU D 21 10.47 35.61 6.06
N PRO D 22 11.40 35.45 7.04
CA PRO D 22 12.83 35.65 6.74
C PRO D 22 13.47 34.72 5.72
N GLU D 23 12.78 33.68 5.30
CA GLU D 23 13.26 32.85 4.18
C GLU D 23 13.48 33.66 2.92
N MET D 24 12.66 34.69 2.72
CA MET D 24 12.78 35.56 1.53
C MET D 24 12.59 37.07 1.76
N PHE D 25 12.07 37.46 2.92
CA PHE D 25 11.53 38.80 3.13
C PHE D 25 12.08 39.53 4.36
N GLU D 26 11.93 40.86 4.34
CA GLU D 26 11.99 41.68 5.55
C GLU D 26 10.58 41.88 6.07
N THR D 27 10.41 41.80 7.38
CA THR D 27 9.13 41.98 8.03
C THR D 27 9.04 43.34 8.72
N VAL D 28 7.94 44.03 8.44
CA VAL D 28 7.58 45.29 9.09
C VAL D 28 6.35 45.02 9.94
N ARG D 29 6.43 45.26 11.24
CA ARG D 29 5.32 45.01 12.15
C ARG D 29 4.71 46.28 12.70
N ILE D 30 3.39 46.36 12.70
CA ILE D 30 2.68 47.38 13.48
C ILE D 30 1.71 46.64 14.40
N GLU D 31 1.47 47.25 15.56
CA GLU D 31 0.78 46.54 16.67
C GLU D 31 -0.71 46.39 16.43
N ARG D 32 -1.29 47.22 15.56
CA ARG D 32 -2.69 47.04 15.13
C ARG D 32 -2.81 47.48 13.68
N ALA D 33 -3.90 47.05 13.04
CA ALA D 33 -4.15 47.37 11.63
C ALA D 33 -4.74 48.76 11.58
N ASP D 34 -3.84 49.75 11.62
CA ASP D 34 -4.17 51.18 11.72
C ASP D 34 -3.18 52.00 10.91
N ALA D 35 -3.68 52.73 9.91
CA ALA D 35 -2.87 53.61 9.05
C ALA D 35 -2.09 54.68 9.83
N ALA D 36 -2.61 55.09 10.98
CA ALA D 36 -1.90 56.06 11.85
C ALA D 36 -0.53 55.58 12.34
N LEU D 37 -0.28 54.27 12.30
CA LEU D 37 1.01 53.69 12.73
C LEU D 37 2.01 53.55 11.58
N VAL D 38 1.60 53.87 10.36
CA VAL D 38 2.51 53.81 9.22
C VAL D 38 3.45 55.00 9.18
N THR D 39 4.75 54.72 9.18
CA THR D 39 5.77 55.76 9.11
C THR D 39 6.30 55.89 7.70
N ALA D 40 7.01 56.99 7.47
CA ALA D 40 7.59 57.28 6.16
C ALA D 40 8.51 56.17 5.64
N ASP D 41 9.32 55.57 6.51
CA ASP D 41 10.23 54.52 6.07
C ASP D 41 9.55 53.17 5.74
N MET D 42 8.24 53.08 5.96
CA MET D 42 7.44 51.90 5.59
C MET D 42 6.82 51.99 4.19
N ARG D 43 7.00 53.10 3.49
CA ARG D 43 6.34 53.34 2.20
C ARG D 43 6.83 52.47 1.03
N ASP D 44 7.93 51.73 1.20
CA ASP D 44 8.43 50.77 0.20
C ASP D 44 7.92 49.32 0.37
N VAL D 45 6.99 49.12 1.29
CA VAL D 45 6.42 47.80 1.54
C VAL D 45 5.75 47.29 0.25
N SER D 46 5.97 46.02 -0.08
CA SER D 46 5.41 45.42 -1.31
C SER D 46 4.38 44.34 -1.06
N GLY D 47 4.22 43.90 0.18
CA GLY D 47 3.25 42.88 0.49
C GLY D 47 2.75 43.00 1.91
N ILE D 48 1.56 42.44 2.15
CA ILE D 48 0.97 42.37 3.47
C ILE D 48 0.60 40.92 3.75
N ALA D 49 0.90 40.48 4.98
CA ALA D 49 0.33 39.22 5.51
C ALA D 49 -0.53 39.61 6.69
N VAL D 50 -1.78 39.18 6.67
CA VAL D 50 -2.78 39.67 7.64
C VAL D 50 -3.83 38.64 8.03
N SER D 51 -4.14 38.63 9.34
CA SER D 51 -5.31 37.93 9.81
C SER D 51 -6.37 38.97 10.25
N GLY D 52 -7.57 38.81 9.72
CA GLY D 52 -8.72 39.63 10.08
C GLY D 52 -8.87 40.83 9.17
N LYS D 53 -9.11 41.99 9.78
CA LYS D 53 -9.40 43.21 9.02
C LYS D 53 -8.15 43.91 8.49
N LEU D 54 -8.24 44.36 7.25
CA LEU D 54 -7.24 45.21 6.63
C LEU D 54 -7.96 46.45 6.14
N PRO D 55 -8.02 47.48 6.98
CA PRO D 55 -8.77 48.69 6.59
C PRO D 55 -8.20 49.32 5.34
N VAL D 56 -9.07 49.85 4.48
CA VAL D 56 -8.62 50.44 3.21
C VAL D 56 -7.58 51.56 3.41
N PRO D 57 -7.75 52.44 4.43
CA PRO D 57 -6.72 53.47 4.60
C PRO D 57 -5.31 52.89 4.87
N LEU D 58 -5.26 51.73 5.52
CA LEU D 58 -3.99 51.07 5.76
C LEU D 58 -3.46 50.46 4.47
N MET D 59 -4.32 49.73 3.76
CA MET D 59 -3.94 49.13 2.47
C MET D 59 -3.43 50.20 1.51
N ASP D 60 -4.10 51.35 1.51
CA ASP D 60 -3.75 52.45 0.60
C ASP D 60 -2.59 53.36 1.07
N ALA D 61 -2.01 53.07 2.24
CA ALA D 61 -0.80 53.74 2.69
C ALA D 61 0.46 53.26 1.95
N PHE D 62 0.34 52.23 1.12
CA PHE D 62 1.48 51.57 0.50
C PHE D 62 1.39 51.62 -1.02
N PRO D 63 2.01 52.66 -1.62
CA PRO D 63 1.94 52.80 -3.09
C PRO D 63 2.50 51.61 -3.90
N SER D 64 3.48 50.89 -3.38
CA SER D 64 4.13 49.76 -4.04
C SER D 64 3.57 48.39 -3.67
N LEU D 65 2.44 48.38 -2.97
CA LEU D 65 1.81 47.13 -2.54
C LEU D 65 1.41 46.28 -3.76
N GLU D 66 1.82 45.01 -3.75
CA GLU D 66 1.51 44.07 -4.83
C GLU D 66 0.57 42.94 -4.46
N ILE D 67 0.56 42.58 -3.17
CA ILE D 67 -0.06 41.34 -2.73
C ILE D 67 -0.49 41.47 -1.26
N VAL D 68 -1.72 41.00 -1.01
CA VAL D 68 -2.23 40.80 0.34
C VAL D 68 -2.43 39.30 0.52
N ALA D 69 -1.67 38.70 1.41
CA ALA D 69 -1.79 37.27 1.74
C ALA D 69 -2.60 37.17 3.02
N ASN D 70 -3.87 36.82 2.82
CA ASN D 70 -4.86 36.68 3.89
C ASN D 70 -4.67 35.33 4.58
N PHE D 71 -4.63 35.38 5.91
CA PHE D 71 -4.57 34.19 6.78
C PHE D 71 -6.00 33.75 7.06
N GLY D 72 -6.39 32.64 6.44
CA GLY D 72 -7.77 32.20 6.48
C GLY D 72 -8.32 32.03 5.08
N VAL D 73 -9.26 31.10 4.96
CA VAL D 73 -9.99 30.92 3.69
C VAL D 73 -11.00 32.06 3.45
N GLY D 74 -11.62 32.56 4.51
CA GLY D 74 -12.44 33.76 4.46
C GLY D 74 -11.54 34.97 4.40
N TYR D 75 -11.86 35.90 3.49
CA TYR D 75 -11.04 37.09 3.28
C TYR D 75 -11.90 38.37 3.22
N ASP D 76 -13.05 38.33 3.88
CA ASP D 76 -13.98 39.46 3.93
C ASP D 76 -13.42 40.71 4.65
N GLY D 77 -12.36 40.55 5.44
CA GLY D 77 -11.69 41.67 6.06
C GLY D 77 -10.81 42.48 5.13
N VAL D 78 -10.57 41.95 3.93
CA VAL D 78 -9.83 42.64 2.87
C VAL D 78 -10.87 43.18 1.89
N ASP D 79 -10.73 44.45 1.51
CA ASP D 79 -11.59 45.03 0.49
C ASP D 79 -11.05 44.59 -0.88
N VAL D 80 -11.51 43.43 -1.31
CA VAL D 80 -10.99 42.80 -2.54
C VAL D 80 -11.35 43.62 -3.80
N SER D 81 -12.48 44.32 -3.77
CA SER D 81 -12.84 45.23 -4.85
C SER D 81 -11.80 46.35 -5.02
N ARG D 82 -11.41 46.94 -3.90
CA ARG D 82 -10.37 47.97 -3.89
C ARG D 82 -9.02 47.41 -4.29
N ALA D 83 -8.66 46.22 -3.79
CA ALA D 83 -7.42 45.56 -4.19
C ALA D 83 -7.42 45.31 -5.69
N ALA D 84 -8.53 44.79 -6.21
CA ALA D 84 -8.63 44.54 -7.66
C ALA D 84 -8.47 45.83 -8.47
N ALA D 85 -9.14 46.90 -8.04
CA ALA D 85 -9.03 48.20 -8.70
C ALA D 85 -7.58 48.71 -8.80
N ARG D 86 -6.76 48.39 -7.79
CA ARG D 86 -5.34 48.75 -7.74
C ARG D 86 -4.40 47.71 -8.38
N GLY D 87 -4.94 46.63 -8.95
CA GLY D 87 -4.11 45.55 -9.52
C GLY D 87 -3.33 44.74 -8.48
N ILE D 88 -3.83 44.73 -7.23
CA ILE D 88 -3.22 44.00 -6.12
C ILE D 88 -3.85 42.63 -5.97
N VAL D 89 -3.01 41.59 -6.00
CA VAL D 89 -3.50 40.22 -5.85
C VAL D 89 -3.81 39.98 -4.38
N VAL D 90 -4.88 39.22 -4.14
CA VAL D 90 -5.20 38.79 -2.79
C VAL D 90 -5.19 37.28 -2.79
N THR D 91 -4.54 36.71 -1.78
CA THR D 91 -4.51 35.26 -1.59
C THR D 91 -5.17 34.86 -0.28
N ASN D 92 -5.69 33.64 -0.23
CA ASN D 92 -6.29 33.09 0.98
C ASN D 92 -5.69 31.73 1.32
N THR D 93 -6.29 31.01 2.26
CA THR D 93 -5.75 29.70 2.66
C THR D 93 -6.84 28.65 2.61
N PRO D 94 -7.31 28.33 1.40
CA PRO D 94 -8.27 27.27 1.25
C PRO D 94 -7.62 25.92 1.45
N ASP D 95 -8.47 24.91 1.59
CA ASP D 95 -8.09 23.47 1.50
C ASP D 95 -7.33 22.89 2.67
N VAL D 96 -6.29 23.59 3.14
CA VAL D 96 -5.49 23.11 4.28
C VAL D 96 -6.25 23.04 5.62
N LEU D 97 -7.40 23.71 5.68
CA LEU D 97 -8.23 23.76 6.88
C LEU D 97 -9.58 23.09 6.68
N THR D 98 -9.84 22.53 5.49
CA THR D 98 -11.19 22.11 5.14
C THR D 98 -11.71 21.01 6.10
N GLU D 99 -10.90 19.98 6.28
CA GLU D 99 -11.29 18.84 7.10
C GLU D 99 -11.38 19.23 8.59
N GLU D 100 -10.46 20.08 9.04
CA GLU D 100 -10.45 20.60 10.40
C GLU D 100 -11.74 21.35 10.74
N VAL D 101 -12.13 22.26 9.86
CA VAL D 101 -13.33 23.08 10.04
C VAL D 101 -14.57 22.20 10.01
N ALA D 102 -14.61 21.25 9.07
CA ALA D 102 -15.72 20.29 9.01
C ALA D 102 -15.85 19.49 10.32
N ASP D 103 -14.70 19.09 10.86
CA ASP D 103 -14.67 18.37 12.17
C ASP D 103 -15.30 19.21 13.25
N THR D 104 -14.88 20.47 13.35
CA THR D 104 -15.42 21.36 14.36
C THR D 104 -16.91 21.58 14.20
N ALA D 105 -17.38 21.71 12.97
CA ALA D 105 -18.79 21.88 12.67
C ALA D 105 -19.61 20.71 13.26
N ILE D 106 -19.13 19.50 13.04
CA ILE D 106 -19.82 18.33 13.57
C ILE D 106 -19.79 18.34 15.10
N GLY D 107 -18.62 18.63 15.67
CA GLY D 107 -18.51 18.70 17.13
C GLY D 107 -19.46 19.74 17.74
N LEU D 108 -19.52 20.92 17.14
CA LEU D 108 -20.44 21.97 17.58
C LEU D 108 -21.92 21.55 17.45
N LEU D 109 -22.25 20.90 16.34
CA LEU D 109 -23.59 20.38 16.15
C LEU D 109 -23.96 19.39 17.29
N LEU D 110 -23.09 18.42 17.54
CA LEU D 110 -23.36 17.42 18.58
C LEU D 110 -23.42 18.04 20.00
N ASN D 111 -22.59 19.05 20.23
CA ASN D 111 -22.58 19.75 21.52
C ASN D 111 -23.88 20.54 21.71
N THR D 112 -24.39 21.12 20.63
CA THR D 112 -25.64 21.87 20.64
C THR D 112 -26.83 20.95 20.89
N LEU D 113 -26.84 19.81 20.23
CA LEU D 113 -27.95 18.88 20.34
C LEU D 113 -27.99 18.09 21.63
N ARG D 114 -26.83 17.59 22.07
CA ARG D 114 -26.74 16.68 23.20
C ARG D 114 -26.29 17.35 24.50
N LEU D 115 -25.96 18.64 24.44
CA LEU D 115 -25.59 19.41 25.64
C LEU D 115 -24.34 18.85 26.35
N LEU D 116 -23.40 18.34 25.57
CA LEU D 116 -22.23 17.68 26.13
C LEU D 116 -21.39 18.62 27.01
N PRO D 117 -21.18 19.88 26.56
CA PRO D 117 -20.43 20.78 27.47
C PRO D 117 -21.14 20.97 28.82
N GLN D 118 -22.45 21.15 28.79
CA GLN D 118 -23.25 21.28 30.01
C GLN D 118 -23.19 20.01 30.88
N ALA D 119 -23.18 18.85 30.24
CA ALA D 119 -23.11 17.56 30.97
C ALA D 119 -21.76 17.46 31.69
N GLU D 120 -20.70 17.89 31.01
CA GLU D 120 -19.37 17.89 31.60
C GLU D 120 -19.27 18.88 32.77
N GLN D 121 -19.90 20.05 32.64
CA GLN D 121 -19.94 21.01 33.74
C GLN D 121 -20.69 20.42 34.95
N TRP D 122 -21.80 19.74 34.69
CA TRP D 122 -22.57 19.04 35.75
C TRP D 122 -21.68 18.08 36.53
N LEU D 123 -20.89 17.29 35.82
CA LEU D 123 -19.97 16.37 36.44
C LEU D 123 -18.87 17.10 37.23
N ARG D 124 -18.22 18.08 36.58
CA ARG D 124 -17.08 18.79 37.18
C ARG D 124 -17.50 19.63 38.39
N GLN D 125 -18.74 20.06 38.43
CA GLN D 125 -19.25 20.80 39.58
C GLN D 125 -19.76 19.93 40.72
N GLY D 126 -19.63 18.60 40.59
CA GLY D 126 -20.00 17.70 41.69
C GLY D 126 -21.47 17.33 41.72
N ARG D 127 -22.24 17.69 40.68
CA ARG D 127 -23.67 17.46 40.66
C ARG D 127 -24.06 16.01 40.37
N TRP D 128 -23.19 15.27 39.69
CA TRP D 128 -23.45 13.85 39.47
C TRP D 128 -23.54 13.09 40.77
N VAL D 129 -22.60 13.41 41.68
CA VAL D 129 -22.53 12.80 42.99
C VAL D 129 -23.74 13.23 43.84
N ARG D 130 -24.00 14.53 43.91
CA ARG D 130 -24.98 15.09 44.85
C ARG D 130 -26.44 15.04 44.36
N GLU D 131 -26.66 15.25 43.07
CA GLU D 131 -28.00 15.29 42.47
C GLU D 131 -28.34 14.15 41.52
N GLY D 132 -27.37 13.34 41.11
CA GLY D 132 -27.63 12.24 40.19
C GLY D 132 -27.45 12.61 38.72
N ALA D 133 -28.12 11.89 37.83
CA ALA D 133 -27.88 12.01 36.39
C ALA D 133 -28.11 13.42 35.87
N PHE D 134 -27.27 13.82 34.92
CA PHE D 134 -27.55 15.01 34.12
C PHE D 134 -28.90 14.79 33.44
N PRO D 135 -29.74 15.84 33.38
CA PRO D 135 -31.04 15.67 32.67
C PRO D 135 -30.85 15.20 31.23
N LEU D 136 -31.79 14.40 30.76
CA LEU D 136 -31.78 13.92 29.36
C LEU D 136 -31.88 15.13 28.40
N SER D 137 -31.11 15.08 27.32
CA SER D 137 -31.22 16.15 26.31
C SER D 137 -32.53 16.07 25.55
N PRO D 138 -33.28 17.19 25.50
CA PRO D 138 -34.52 17.17 24.73
C PRO D 138 -34.28 16.91 23.25
N LEU D 139 -33.11 17.32 22.73
CA LEU D 139 -32.78 17.14 21.32
C LEU D 139 -31.82 15.97 21.06
N SER D 140 -31.75 15.59 19.81
CA SER D 140 -30.87 14.53 19.35
C SER D 140 -30.63 14.72 17.85
N LEU D 141 -29.54 14.14 17.34
CA LEU D 141 -29.30 14.14 15.89
C LEU D 141 -30.22 13.13 15.20
N ARG D 142 -30.65 12.11 15.95
CA ARG D 142 -31.46 11.05 15.37
C ARG D 142 -32.74 11.60 14.69
N GLY D 143 -32.94 11.23 13.43
CA GLY D 143 -34.14 11.63 12.70
C GLY D 143 -34.14 13.03 12.12
N ARG D 144 -33.06 13.78 12.30
CA ARG D 144 -32.99 15.14 11.78
C ARG D 144 -32.74 15.22 10.29
N THR D 145 -33.07 16.40 9.77
CA THR D 145 -32.91 16.74 8.34
CA THR D 145 -32.91 16.73 8.35
C THR D 145 -32.05 18.00 8.32
N VAL D 146 -30.89 17.90 7.70
CA VAL D 146 -29.91 18.97 7.77
C VAL D 146 -29.83 19.69 6.44
N GLY D 147 -29.97 21.02 6.48
CA GLY D 147 -29.78 21.88 5.31
C GLY D 147 -28.47 22.63 5.43
N LEU D 148 -27.62 22.52 4.42
CA LEU D 148 -26.36 23.24 4.38
C LEU D 148 -26.54 24.50 3.53
N PHE D 149 -26.36 25.65 4.15
CA PHE D 149 -26.29 26.92 3.46
C PHE D 149 -24.82 27.10 3.09
N GLY D 150 -24.50 26.90 1.81
CA GLY D 150 -23.11 26.73 1.37
C GLY D 150 -22.81 25.25 1.21
N LEU D 151 -22.23 24.89 0.05
CA LEU D 151 -21.82 23.53 -0.18
C LEU D 151 -20.54 23.55 -1.01
N GLY D 152 -19.58 24.33 -0.50
CA GLY D 152 -18.29 24.52 -1.15
C GLY D 152 -17.26 23.52 -0.65
N ARG D 153 -16.02 23.94 -0.53
CA ARG D 153 -14.97 23.05 0.01
C ARG D 153 -15.39 22.49 1.40
N ILE D 154 -15.75 23.40 2.27
CA ILE D 154 -16.09 23.03 3.65
C ILE D 154 -17.51 22.44 3.76
N GLY D 155 -18.48 23.06 3.11
CA GLY D 155 -19.85 22.53 3.10
C GLY D 155 -19.94 21.09 2.64
N LEU D 156 -19.22 20.77 1.57
CA LEU D 156 -19.19 19.39 1.08
C LEU D 156 -18.56 18.45 2.11
N ALA D 157 -17.46 18.88 2.75
CA ALA D 157 -16.79 18.06 3.77
C ALA D 157 -17.71 17.78 4.96
N ILE D 158 -18.53 18.77 5.34
CA ILE D 158 -19.55 18.60 6.39
C ILE D 158 -20.62 17.60 5.94
N ALA D 159 -21.13 17.78 4.72
CA ALA D 159 -22.11 16.86 4.15
C ALA D 159 -21.59 15.42 4.11
N ARG D 160 -20.32 15.21 3.76
CA ARG D 160 -19.74 13.87 3.73
C ARG D 160 -19.74 13.23 5.11
N ARG D 161 -19.43 14.01 6.13
CA ARG D 161 -19.48 13.52 7.51
C ARG D 161 -20.91 13.15 7.86
N LEU D 162 -21.84 14.05 7.59
CA LEU D 162 -23.25 13.86 7.94
C LEU D 162 -23.85 12.64 7.26
N GLU D 163 -23.43 12.35 6.03
CA GLU D 163 -23.88 11.11 5.33
C GLU D 163 -23.73 9.86 6.21
N ALA D 164 -22.64 9.80 6.95
CA ALA D 164 -22.33 8.65 7.80
C ALA D 164 -23.11 8.59 9.11
N PHE D 165 -23.79 9.67 9.47
CA PHE D 165 -24.64 9.73 10.66
C PHE D 165 -26.10 9.38 10.41
N GLY D 166 -26.46 8.99 9.18
CA GLY D 166 -27.81 8.61 8.85
C GLY D 166 -28.89 9.68 8.91
N VAL D 167 -28.51 10.91 8.57
CA VAL D 167 -29.49 12.02 8.45
C VAL D 167 -29.68 12.42 6.99
N SER D 168 -30.85 12.95 6.70
CA SER D 168 -31.14 13.51 5.38
C SER D 168 -30.36 14.81 5.20
N ILE D 169 -29.87 15.03 3.97
CA ILE D 169 -29.05 16.19 3.67
C ILE D 169 -29.62 16.97 2.49
N ALA D 170 -29.79 18.27 2.68
CA ALA D 170 -30.19 19.18 1.62
C ALA D 170 -29.22 20.35 1.60
N TYR D 171 -29.26 21.15 0.54
CA TYR D 171 -28.36 22.32 0.49
C TYR D 171 -28.92 23.47 -0.34
N HIS D 172 -28.40 24.66 -0.04
CA HIS D 172 -28.72 25.87 -0.79
C HIS D 172 -27.44 26.62 -1.13
N THR D 173 -27.30 26.94 -2.40
CA THR D 173 -26.20 27.69 -2.99
C THR D 173 -26.84 28.45 -4.16
N ARG D 174 -26.12 29.38 -4.77
CA ARG D 174 -26.68 30.13 -5.91
C ARG D 174 -26.76 29.26 -7.16
N THR D 175 -25.84 28.32 -7.32
CA THR D 175 -25.85 27.39 -8.44
C THR D 175 -25.80 25.97 -7.88
N PRO D 176 -26.66 25.05 -8.38
CA PRO D 176 -26.58 23.67 -7.90
C PRO D 176 -25.27 22.98 -8.30
N ARG D 177 -24.82 22.02 -7.49
CA ARG D 177 -23.66 21.19 -7.78
C ARG D 177 -24.18 19.84 -8.26
N GLU D 178 -24.21 19.64 -9.57
CA GLU D 178 -24.65 18.38 -10.17
C GLU D 178 -23.63 17.29 -9.90
N GLY D 179 -24.10 16.04 -9.82
CA GLY D 179 -23.25 14.88 -9.51
C GLY D 179 -23.43 14.38 -8.08
N LEU D 180 -23.83 15.26 -7.17
CA LEU D 180 -24.07 14.90 -5.79
C LEU D 180 -25.53 14.50 -5.66
N GLY D 181 -25.82 13.57 -4.76
CA GLY D 181 -27.19 13.11 -4.53
C GLY D 181 -27.91 13.81 -3.40
N PHE D 182 -27.62 15.10 -3.19
CA PHE D 182 -28.29 15.90 -2.16
C PHE D 182 -29.37 16.76 -2.78
N THR D 183 -30.43 17.01 -2.00
CA THR D 183 -31.54 17.85 -2.47
C THR D 183 -31.13 19.33 -2.48
N TYR D 184 -31.18 19.93 -3.67
CA TYR D 184 -30.97 21.35 -3.86
C TYR D 184 -32.26 22.14 -3.61
N HIS D 185 -32.13 23.26 -2.92
CA HIS D 185 -33.17 24.24 -2.73
C HIS D 185 -32.71 25.55 -3.34
N PRO D 186 -33.52 26.14 -4.25
CA PRO D 186 -33.10 27.41 -4.85
C PRO D 186 -33.23 28.64 -3.94
N THR D 187 -33.93 28.53 -2.82
CA THR D 187 -33.98 29.62 -1.84
C THR D 187 -33.59 29.12 -0.45
N LEU D 188 -32.99 30.00 0.33
CA LEU D 188 -32.64 29.69 1.72
C LEU D 188 -33.90 29.44 2.56
N VAL D 189 -34.90 30.33 2.44
CA VAL D 189 -36.12 30.19 3.24
C VAL D 189 -36.89 28.89 2.94
N GLY D 190 -36.90 28.48 1.68
CA GLY D 190 -37.49 27.20 1.26
C GLY D 190 -36.77 25.99 1.86
N MET D 191 -35.44 26.04 1.90
CA MET D 191 -34.68 24.99 2.57
C MET D 191 -35.00 24.98 4.05
N ALA D 192 -35.00 26.17 4.67
CA ALA D 192 -35.29 26.28 6.10
C ALA D 192 -36.63 25.66 6.45
N GLU D 193 -37.66 25.93 5.65
CA GLU D 193 -38.98 25.32 5.81
C GLU D 193 -38.87 23.79 5.93
N ALA D 194 -38.17 23.24 4.94
CA ALA D 194 -38.02 21.79 4.70
C ALA D 194 -37.15 21.02 5.72
N VAL D 195 -36.26 21.72 6.41
CA VAL D 195 -35.29 21.07 7.31
C VAL D 195 -35.56 21.47 8.76
N ASP D 196 -34.90 20.77 9.68
CA ASP D 196 -34.94 21.19 11.10
C ASP D 196 -33.56 21.56 11.64
N THR D 197 -32.54 21.53 10.78
CA THR D 197 -31.15 21.76 11.20
C THR D 197 -30.47 22.52 10.05
N LEU D 198 -30.01 23.72 10.34
CA LEU D 198 -29.44 24.61 9.32
C LEU D 198 -27.98 24.89 9.68
N ILE D 199 -27.07 24.48 8.81
CA ILE D 199 -25.63 24.71 9.01
C ILE D 199 -25.20 25.79 8.02
N VAL D 200 -24.67 26.88 8.56
CA VAL D 200 -24.21 28.03 7.79
C VAL D 200 -22.71 27.96 7.54
N ILE D 201 -22.35 27.90 6.25
CA ILE D 201 -20.96 27.76 5.82
C ILE D 201 -20.77 28.43 4.44
N VAL D 202 -21.25 29.67 4.37
CA VAL D 202 -21.00 30.59 3.25
C VAL D 202 -20.00 31.67 3.65
N PRO D 203 -19.36 32.34 2.67
CA PRO D 203 -18.54 33.49 3.01
C PRO D 203 -19.39 34.64 3.54
N GLY D 204 -18.73 35.59 4.22
CA GLY D 204 -19.37 36.80 4.72
C GLY D 204 -19.28 37.90 3.70
N THR D 205 -20.18 37.90 2.73
CA THR D 205 -20.22 38.89 1.68
C THR D 205 -21.50 39.72 1.73
N ALA D 206 -21.58 40.75 0.89
CA ALA D 206 -22.81 41.54 0.75
C ALA D 206 -24.03 40.64 0.47
N SER D 207 -23.83 39.60 -0.33
CA SER D 207 -24.93 38.71 -0.74
C SER D 207 -25.42 37.81 0.40
N THR D 208 -24.60 37.58 1.41
CA THR D 208 -25.01 36.77 2.56
C THR D 208 -25.30 37.56 3.84
N LEU D 209 -25.12 38.87 3.81
CA LEU D 209 -25.32 39.70 5.01
C LEU D 209 -26.72 39.56 5.59
N LYS D 210 -26.80 39.11 6.83
CA LYS D 210 -28.07 38.85 7.52
C LYS D 210 -29.05 37.99 6.71
N ALA D 211 -28.51 37.05 5.93
CA ALA D 211 -29.34 36.15 5.13
C ALA D 211 -30.18 35.27 6.07
N VAL D 212 -29.58 34.84 7.19
CA VAL D 212 -30.31 34.11 8.19
C VAL D 212 -30.99 35.14 9.10
N ASN D 213 -32.22 35.44 8.74
CA ASN D 213 -33.01 36.51 9.35
C ASN D 213 -34.23 35.88 10.07
N ALA D 214 -35.10 36.74 10.60
CA ALA D 214 -36.30 36.29 11.32
C ALA D 214 -37.18 35.33 10.51
N ASP D 215 -37.35 35.59 9.22
CA ASP D 215 -38.14 34.70 8.34
C ASP D 215 -37.53 33.30 8.21
N VAL D 216 -36.22 33.24 8.04
CA VAL D 216 -35.50 31.95 7.88
C VAL D 216 -35.57 31.18 9.19
N LEU D 217 -35.39 31.88 10.32
CA LEU D 217 -35.47 31.25 11.62
C LEU D 217 -36.90 30.74 11.91
N SER D 218 -37.90 31.53 11.55
CA SER D 218 -39.30 31.09 11.65
C SER D 218 -39.58 29.84 10.81
N ALA D 219 -39.09 29.81 9.56
CA ALA D 219 -39.23 28.62 8.69
C ALA D 219 -38.50 27.37 9.23
N LEU D 220 -37.34 27.61 9.86
CA LEU D 220 -36.57 26.54 10.44
C LEU D 220 -37.45 25.75 11.41
N GLY D 221 -38.13 26.48 12.29
CA GLY D 221 -39.24 25.94 13.08
C GLY D 221 -38.88 25.58 14.52
N PRO D 222 -39.87 25.12 15.29
CA PRO D 222 -39.72 24.93 16.75
C PRO D 222 -38.82 23.78 17.21
N LYS D 223 -38.44 22.88 16.31
CA LYS D 223 -37.39 21.89 16.60
C LYS D 223 -36.07 22.30 15.95
N GLY D 224 -36.03 23.55 15.45
CA GLY D 224 -34.95 24.01 14.62
C GLY D 224 -33.68 24.25 15.39
N VAL D 225 -32.56 23.84 14.81
CA VAL D 225 -31.23 24.10 15.34
C VAL D 225 -30.38 24.80 14.28
N LEU D 226 -29.80 25.93 14.65
CA LEU D 226 -28.94 26.74 13.77
C LEU D 226 -27.51 26.53 14.20
N ILE D 227 -26.65 26.17 13.26
CA ILE D 227 -25.22 26.08 13.51
C ILE D 227 -24.51 27.07 12.58
N ASN D 228 -23.73 27.99 13.13
CA ASN D 228 -22.97 28.93 12.27
C ASN D 228 -21.48 28.74 12.46
N VAL D 229 -20.83 28.26 11.39
CA VAL D 229 -19.36 28.12 11.34
C VAL D 229 -18.77 28.92 10.17
N GLY D 230 -19.57 29.83 9.61
CA GLY D 230 -19.15 30.67 8.45
C GLY D 230 -18.62 32.02 8.93
N ARG D 231 -19.49 33.01 8.85
CA ARG D 231 -19.24 34.33 9.37
C ARG D 231 -20.45 34.81 10.13
N GLY D 232 -20.17 35.49 11.24
CA GLY D 232 -21.17 36.13 12.06
C GLY D 232 -22.14 37.04 11.33
N SER D 233 -21.61 37.80 10.36
CA SER D 233 -22.40 38.76 9.59
C SER D 233 -23.60 38.14 8.87
N THR D 234 -23.48 36.85 8.52
CA THR D 234 -24.51 36.12 7.79
C THR D 234 -25.78 35.89 8.61
N VAL D 235 -25.65 35.87 9.94
CA VAL D 235 -26.79 35.74 10.85
C VAL D 235 -27.16 37.10 11.42
N ASP D 236 -28.45 37.40 11.41
CA ASP D 236 -29.01 38.54 12.10
C ASP D 236 -29.04 38.21 13.60
N GLU D 237 -28.01 38.67 14.30
CA GLU D 237 -27.77 38.23 15.68
C GLU D 237 -28.91 38.64 16.61
N ALA D 238 -29.39 39.88 16.48
CA ALA D 238 -30.56 40.35 17.21
C ALA D 238 -31.80 39.48 16.95
N ALA D 239 -32.04 39.11 15.69
CA ALA D 239 -33.20 38.26 15.35
C ALA D 239 -33.06 36.83 15.91
N LEU D 240 -31.82 36.35 15.99
CA LEU D 240 -31.54 35.05 16.58
C LEU D 240 -31.83 35.06 18.07
N VAL D 241 -31.44 36.13 18.76
CA VAL D 241 -31.66 36.24 20.20
C VAL D 241 -33.17 36.24 20.46
N THR D 242 -33.90 36.98 19.63
CA THR D 242 -35.37 37.03 19.72
C THR D 242 -36.01 35.64 19.49
N ALA D 243 -35.56 34.94 18.46
CA ALA D 243 -36.07 33.60 18.13
C ALA D 243 -35.81 32.60 19.25
N LEU D 244 -34.61 32.64 19.80
CA LEU D 244 -34.25 31.78 20.94
C LEU D 244 -35.10 32.11 22.16
N GLN D 245 -35.22 33.41 22.47
CA GLN D 245 -36.03 33.85 23.60
C GLN D 245 -37.50 33.43 23.52
N ASN D 246 -38.09 33.52 22.32
CA ASN D 246 -39.50 33.18 22.08
C ASN D 246 -39.77 31.69 21.84
N GLY D 247 -38.72 30.88 21.70
CA GLY D 247 -38.87 29.47 21.36
C GLY D 247 -39.26 29.24 19.91
N THR D 248 -39.01 30.24 19.06
CA THR D 248 -39.21 30.11 17.63
C THR D 248 -38.35 28.97 17.07
N ILE D 249 -37.13 28.83 17.58
CA ILE D 249 -36.25 27.69 17.30
C ILE D 249 -35.85 27.02 18.62
N ALA D 250 -35.26 25.83 18.53
CA ALA D 250 -34.96 24.99 19.68
C ALA D 250 -33.56 25.16 20.26
N GLY D 251 -32.63 25.63 19.45
CA GLY D 251 -31.24 25.78 19.89
C GLY D 251 -30.31 26.30 18.81
N ALA D 252 -29.09 26.62 19.22
CA ALA D 252 -28.09 27.16 18.31
C ALA D 252 -26.70 26.84 18.78
N GLY D 253 -25.78 26.66 17.82
CA GLY D 253 -24.35 26.51 18.05
C GLY D 253 -23.63 27.52 17.16
N LEU D 254 -22.83 28.39 17.75
CA LEU D 254 -22.18 29.49 17.02
C LEU D 254 -20.69 29.53 17.31
N ASP D 255 -19.89 29.53 16.26
CA ASP D 255 -18.42 29.71 16.32
C ASP D 255 -18.00 31.15 15.97
N VAL D 256 -18.92 31.90 15.36
CA VAL D 256 -18.63 33.22 14.76
C VAL D 256 -19.76 34.20 15.11
N PHE D 257 -19.42 35.48 15.17
CA PHE D 257 -20.26 36.52 15.70
C PHE D 257 -20.09 37.82 14.91
N GLU D 258 -21.10 38.69 14.99
CA GLU D 258 -21.11 40.00 14.31
C GLU D 258 -19.94 40.89 14.66
N ASN D 259 -19.58 40.94 15.95
CA ASN D 259 -18.56 41.86 16.43
C ASN D 259 -17.61 41.17 17.41
N GLU D 260 -16.89 40.17 16.91
CA GLU D 260 -15.91 39.42 17.69
C GLU D 260 -14.82 40.34 18.25
N PRO D 261 -14.36 40.13 19.49
CA PRO D 261 -14.73 39.04 20.41
C PRO D 261 -15.95 39.29 21.29
N ASN D 262 -16.78 40.27 20.94
CA ASN D 262 -17.94 40.59 21.75
C ASN D 262 -19.09 39.66 21.39
N VAL D 263 -19.67 39.06 22.42
CA VAL D 263 -20.85 38.24 22.28
C VAL D 263 -21.94 38.88 23.11
N PRO D 264 -23.13 39.11 22.53
CA PRO D 264 -24.20 39.75 23.31
C PRO D 264 -24.58 38.93 24.54
N GLU D 265 -24.78 39.64 25.66
CA GLU D 265 -25.08 39.05 26.96
C GLU D 265 -26.27 38.09 26.90
N ALA D 266 -27.28 38.42 26.09
CA ALA D 266 -28.48 37.60 25.96
C ALA D 266 -28.14 36.21 25.41
N LEU D 267 -27.23 36.16 24.44
CA LEU D 267 -26.83 34.86 23.88
C LEU D 267 -26.18 33.95 24.91
N LEU D 268 -25.44 34.55 25.84
CA LEU D 268 -24.75 33.81 26.88
C LEU D 268 -25.70 33.17 27.89
N SER D 269 -26.94 33.70 27.96
CA SER D 269 -27.95 33.29 28.93
C SER D 269 -28.63 31.95 28.67
N PHE D 270 -28.72 31.57 27.41
CA PHE D 270 -29.57 30.47 27.00
C PHE D 270 -28.94 29.12 27.34
N PRO D 271 -29.68 28.20 27.99
CA PRO D 271 -29.15 26.86 28.26
C PRO D 271 -29.16 25.89 27.07
N ASN D 272 -29.70 26.32 25.93
CA ASN D 272 -29.83 25.49 24.71
C ASN D 272 -28.91 26.00 23.59
N VAL D 273 -27.86 26.72 23.98
CA VAL D 273 -26.94 27.32 23.02
C VAL D 273 -25.51 26.96 23.38
N SER D 274 -24.74 26.57 22.36
CA SER D 274 -23.33 26.35 22.46
C SER D 274 -22.60 27.48 21.74
N LEU D 275 -21.58 28.01 22.40
CA LEU D 275 -20.79 29.14 21.89
C LEU D 275 -19.32 28.83 21.91
N LEU D 276 -18.65 29.11 20.79
CA LEU D 276 -17.20 28.91 20.68
C LEU D 276 -16.55 30.20 20.16
N PRO D 277 -15.33 30.52 20.62
CA PRO D 277 -14.64 31.74 20.22
C PRO D 277 -13.87 31.61 18.87
N HIS D 278 -14.61 31.34 17.80
CA HIS D 278 -14.04 31.25 16.46
C HIS D 278 -12.86 30.26 16.40
N VAL D 279 -13.14 29.03 16.79
CA VAL D 279 -12.12 27.99 16.89
C VAL D 279 -12.12 26.95 15.76
N ALA D 280 -13.00 27.06 14.76
CA ALA D 280 -13.16 25.94 13.84
C ALA D 280 -11.89 25.44 13.18
N SER D 281 -10.94 26.33 12.86
CA SER D 281 -9.61 25.92 12.33
C SER D 281 -8.47 25.89 13.33
N ALA D 282 -8.76 26.12 14.62
CA ALA D 282 -7.77 26.51 15.61
C ALA D 282 -7.04 25.36 16.33
N SER D 283 -6.47 24.43 15.56
CA SER D 283 -5.53 23.45 16.08
C SER D 283 -4.16 23.90 15.69
N VAL D 284 -3.15 23.43 16.40
CA VAL D 284 -1.76 23.74 16.07
C VAL D 284 -1.43 23.27 14.66
N VAL D 285 -1.75 22.03 14.33
CA VAL D 285 -1.42 21.49 13.01
C VAL D 285 -2.05 22.30 11.85
N THR D 286 -3.34 22.64 12.00
CA THR D 286 -4.04 23.34 10.93
C THR D 286 -3.59 24.79 10.83
N ARG D 287 -3.38 25.45 11.96
CA ARG D 287 -2.87 26.83 11.94
C ARG D 287 -1.46 26.90 11.41
N ASN D 288 -0.66 25.88 11.66
CA ASN D 288 0.69 25.77 11.06
C ASN D 288 0.58 25.65 9.55
N ALA D 289 -0.33 24.81 9.06
CA ALA D 289 -0.55 24.66 7.61
C ALA D 289 -1.06 25.97 6.95
N MET D 290 -1.96 26.67 7.64
CA MET D 290 -2.42 27.98 7.19
C MET D 290 -1.28 28.99 7.13
N SER D 291 -0.47 29.03 8.19
CA SER D 291 0.72 29.89 8.23
C SER D 291 1.64 29.59 7.05
N ASP D 292 1.90 28.30 6.82
CA ASP D 292 2.73 27.87 5.69
C ASP D 292 2.19 28.35 4.35
N LEU D 293 0.88 28.29 4.17
CA LEU D 293 0.27 28.67 2.92
C LEU D 293 0.31 30.18 2.68
N VAL D 294 0.16 30.98 3.73
CA VAL D 294 0.37 32.45 3.64
C VAL D 294 1.79 32.73 3.14
N VAL D 295 2.78 32.17 3.81
CA VAL D 295 4.16 32.43 3.46
C VAL D 295 4.50 31.90 2.07
N ASP D 296 4.07 30.67 1.78
CA ASP D 296 4.34 30.06 0.48
C ASP D 296 3.65 30.79 -0.67
N ASN D 297 2.48 31.40 -0.42
CA ASN D 297 1.86 32.31 -1.42
C ASN D 297 2.79 33.49 -1.70
N LEU D 298 3.32 34.10 -0.66
CA LEU D 298 4.21 35.28 -0.86
C LEU D 298 5.47 34.87 -1.59
N LYS D 299 6.05 33.73 -1.19
CA LYS D 299 7.28 33.23 -1.80
C LYS D 299 7.07 32.91 -3.29
N ALA D 300 5.97 32.23 -3.60
CA ALA D 300 5.61 31.93 -4.99
C ALA D 300 5.44 33.22 -5.80
N TRP D 301 4.70 34.17 -5.25
CA TRP D 301 4.44 35.43 -5.97
C TRP D 301 5.74 36.11 -6.35
N PHE D 302 6.61 36.31 -5.35
CA PHE D 302 7.84 37.08 -5.61
C PHE D 302 8.90 36.31 -6.39
N SER D 303 8.86 34.98 -6.34
CA SER D 303 9.87 34.18 -7.01
C SER D 303 9.45 33.77 -8.43
N THR D 304 8.17 33.46 -8.62
CA THR D 304 7.66 32.95 -9.88
C THR D 304 6.63 33.85 -10.58
N GLY D 305 6.06 34.81 -9.87
CA GLY D 305 5.00 35.65 -10.39
C GLY D 305 3.60 35.06 -10.37
N GLU D 306 3.47 33.85 -9.82
CA GLU D 306 2.20 33.15 -9.74
C GLU D 306 1.98 32.76 -8.29
N ALA D 307 0.89 33.23 -7.73
CA ALA D 307 0.48 32.84 -6.38
C ALA D 307 0.01 31.41 -6.40
N LEU D 308 -0.08 30.81 -5.22
CA LEU D 308 -0.60 29.46 -5.07
C LEU D 308 -2.12 29.44 -5.02
N THR D 309 -2.69 30.30 -4.19
CA THR D 309 -4.15 30.38 -3.94
C THR D 309 -4.68 31.79 -3.99
N PRO D 310 -4.58 32.43 -5.16
CA PRO D 310 -5.23 33.72 -5.29
C PRO D 310 -6.74 33.55 -5.21
N VAL D 311 -7.42 34.58 -4.75
CA VAL D 311 -8.87 34.56 -4.68
C VAL D 311 -9.50 34.77 -6.05
N ALA D 312 -10.77 34.40 -6.18
CA ALA D 312 -11.46 34.49 -7.46
C ALA D 312 -11.44 35.90 -8.09
N GLU D 313 -11.57 36.93 -7.26
CA GLU D 313 -11.63 38.32 -7.69
C GLU D 313 -10.31 38.88 -8.22
N THR D 314 -9.18 38.23 -7.92
CA THR D 314 -7.87 38.71 -8.34
C THR D 314 -7.04 37.58 -8.98
N PRO D 315 -7.43 37.14 -10.20
CA PRO D 315 -6.66 36.13 -10.93
C PRO D 315 -5.42 36.77 -11.60
N PHE D 316 -4.51 37.30 -10.80
CA PHE D 316 -3.45 38.17 -11.33
C PHE D 316 -2.11 37.43 -11.37
N ARG D 317 -1.22 37.93 -12.22
CA ARG D 317 0.16 37.47 -12.35
C ARG D 317 1.06 38.69 -12.14
N ARG D 318 2.23 38.46 -11.52
CA ARG D 318 3.10 39.57 -11.15
C ARG D 318 3.69 40.25 -12.36
N ARG D 319 3.64 41.58 -12.38
CA ARG D 319 4.43 42.37 -13.29
C ARG D 319 5.47 43.11 -12.45
N ALA D 320 6.74 42.87 -12.71
CA ALA D 320 7.75 43.55 -11.84
C ALA D 320 8.09 44.96 -12.38
N ILE D 321 7.87 45.98 -11.54
CA ILE D 321 7.96 47.38 -11.93
C ILE D 321 9.36 47.92 -11.60
#